data_7RX0
#
_entry.id   7RX0
#
_cell.length_a   1.00
_cell.length_b   1.00
_cell.length_c   1.00
_cell.angle_alpha   90.00
_cell.angle_beta   90.00
_cell.angle_gamma   90.00
#
_symmetry.space_group_name_H-M   'P 1'
#
loop_
_entity.id
_entity.type
_entity.pdbx_description
1 polymer 'Kinesin-like protein KIF7'
2 polymer 'Zinc finger protein GLI2'
3 polymer 'Tubulin alpha-1A chain'
4 polymer 'Tubulin beta chain'
5 non-polymer 'PHOSPHOAMINOPHOSPHONIC ACID-ADENYLATE ESTER'
6 non-polymer "GUANOSINE-5'-TRIPHOSPHATE"
7 non-polymer 'PHOSPHOMETHYLPHOSPHONIC ACID GUANYLATE ESTER'
8 non-polymer 'MAGNESIUM ION'
#
loop_
_entity_poly.entity_id
_entity_poly.type
_entity_poly.pdbx_seq_one_letter_code
_entity_poly.pdbx_strand_id
1 'polypeptide(L)'
;GMGLEAQRLPGAEEAPVRVALRVRPLLPKELLHGHQSCLQVEPGLGRVTLGRDRHFGFHVVLAEDAGQEAVYQACVQPLL
EAFFEGFNATVFAYGQTGSGKTYTMGEASVASLLEDEQGIVPRAMAEAFKLIDENDLLDCLVHVSYLEVYKEEFRDLLEV
GTASRDIQLREDERGNVVLCGVKEVDVEGLDEVLSLLEMGNAARHTGATHLNHLSSRSHTVFTVTLEQRGRAPSRLPRPA
PGQLLVSKFHFVDLAGSERVLKTGSTGERLKESIQINSSLLALGNVISALGDPQRRGSHIPYRDSKITRILKDSLGGNAK
TVMIACVSPSSSDFDETLNTLNYASRAQNIRNRATVNWRPEAERPPEETASGARGPPRHRSETRIIHRGRRAPGPATASA
AAAMRLGAECARYRACTDAAYSLLRELQAEPGLPGAAARKVRDWLCAVEGERSALSSASGPDSGIESASVEDQAAQGAGG
RKEDEGAQQLLTLQNQVARLEEENRDFLAALEDAMEQYKLQSDRLREQQEEMVELRLRLELVRP
;
C
2 'polypeptide(L)'
;(UNK)(UNK)(UNK)(UNK)(UNK)(UNK)(UNK)(UNK)(UNK)(UNK)(UNK)(UNK)(UNK)(UNK)(UNK)(UNK)
(UNK)(UNK)(UNK)(UNK)(UNK)(UNK)(UNK)(UNK)(UNK)(UNK)(UNK)(UNK)(UNK)(UNK)(UNK)(UNK)
(UNK)(UNK)(UNK)(UNK)(UNK)(UNK)(UNK)(UNK)(UNK)(UNK)(UNK)(UNK)(UNK)(UNK)(UNK)(UNK)
(UNK)(UNK)(UNK)(UNK)(UNK)(UNK)(UNK)(UNK)(UNK)(UNK)(UNK)(UNK)(UNK)(UNK)(UNK)(UNK)
(UNK)(UNK)(UNK)(UNK)(UNK)(UNK)(UNK)(UNK)(UNK)(UNK)(UNK)(UNK)(UNK)(UNK)(UNK)(UNK)
(UNK)(UNK)(UNK)(UNK)(UNK)(UNK)(UNK)(UNK)(UNK)(UNK)(UNK)(UNK)
;
G
3 'polypeptide(L)'
;MRECISIHVGQAGVQIGNACWELYCLEHGIQPDGQMPSDKTIGGGDDSFNTFFSETGAGKHVPRAVFVDLEPTVIDEVRT
GTYRQLFHPEQLITGKEDAANNYARGHYTIGKEIIDLVLDRIRKLADQCTGLQGFSVFHSFGGGTGSGFTSLLMERLSVD
YGKKSKLEFSIYPAPQVSTAVVEPYNSILTTHTTLEHSDCAFMVDNEAIYDICRRNLDIERPTYTNLNRLIGQIVSSITA
SLRFDGALNVDLTEFQTNLVPYPRAHFPLATYAPVISAEKAYHEQLSVAEITNACFEPANQMVKCDPRHGKYMACCLLYR
GDVVPKDVNAAIATIKTKRTIQFVDWCPTGFKVGINYEPPTVVPGGDLAKVQRAVCMLSNTTAIAEAWARLDHKFDLMYA
KRAFVHWYVGEGMEEGEFSEAREDMAALEKDYEEVGVDSVEGEGEEEGEEY
;
A
4 'polypeptide(L)'
;MREIVHIQAGQCGNQIGAKFWEVISDEHGIDPTGSYHGDSDLQLERINVYYNEAAGNKYVPRAILVDLEPGTMDSVRSGP
FGQIFRPDNFVFGQSGAGNNWAKGHYTEGAELVDSVLDVVRKESESCDCLQGFQLTHSLGGGTGSGMGTLLISKIREEYP
DRIMNTFSVVPSPKVSDTVVEPYNATLSVHQLVENTDETYCIDNEALYDICFRTLKLTTPTYGDLNHLVSATMSGVTTCL
RFPGQLNADLRKLAVNMVPFPRLHFFMPGFAPLTSRGSQQYRALTVPELTQQMFDAKNMMAACDPRHGRYLTVAAVFRGR
MSMKEVDEQMLNVQNKNSSYFVEWIPNNVKTAVCDIPPRGLKMSATFIGNSTAIQELFKRISEQFTAMFRRKAFLHWYTG
EGMDEMEFTEAESNMNDLVSEYQQYQDATADEQGEFEEEGEEDEA
;
B
#
# COMPACT_ATOMS: atom_id res chain seq x y z
N GLU A 13 11.15 -33.03 16.41
CA GLU A 13 11.49 -34.13 15.52
C GLU A 13 11.35 -33.71 14.06
N GLU A 14 11.10 -32.42 13.84
CA GLU A 14 10.90 -31.92 12.49
C GLU A 14 12.19 -31.99 11.70
N ALA A 15 12.22 -32.85 10.70
CA ALA A 15 13.27 -32.77 9.70
C ALA A 15 13.00 -31.55 8.81
N PRO A 16 13.97 -30.68 8.62
CA PRO A 16 13.74 -29.49 7.78
C PRO A 16 13.26 -29.89 6.39
N VAL A 17 12.34 -29.08 5.85
CA VAL A 17 11.75 -29.37 4.55
C VAL A 17 12.83 -29.54 3.50
N ARG A 18 12.76 -30.64 2.77
CA ARG A 18 13.72 -30.88 1.71
C ARG A 18 13.38 -30.04 0.49
N VAL A 19 14.41 -29.73 -0.29
CA VAL A 19 14.26 -28.89 -1.47
C VAL A 19 14.56 -29.72 -2.71
N ALA A 20 14.02 -29.28 -3.84
CA ALA A 20 14.26 -29.95 -5.11
C ALA A 20 14.16 -28.91 -6.22
N LEU A 21 15.10 -28.97 -7.16
CA LEU A 21 15.20 -27.99 -8.22
C LEU A 21 15.34 -28.68 -9.57
N ARG A 22 14.47 -28.30 -10.51
CA ARG A 22 14.54 -28.79 -11.88
C ARG A 22 14.62 -27.59 -12.81
N VAL A 23 15.26 -27.80 -13.97
CA VAL A 23 15.41 -26.76 -14.97
C VAL A 23 14.60 -27.14 -16.20
N ARG A 24 14.00 -26.12 -16.83
CA ARG A 24 13.21 -26.50 -17.99
C ARG A 24 14.06 -26.43 -19.26
N PRO A 25 13.82 -27.34 -20.20
CA PRO A 25 14.55 -27.30 -21.47
C PRO A 25 13.96 -26.25 -22.39
N LEU A 26 14.85 -25.60 -23.12
CA LEU A 26 14.49 -24.43 -23.92
C LEU A 26 13.78 -24.86 -25.21
N LEU A 27 13.24 -23.87 -25.90
CA LEU A 27 12.64 -24.00 -27.21
C LEU A 27 13.47 -23.25 -28.24
N PRO A 28 13.49 -23.72 -29.50
CA PRO A 28 14.28 -23.01 -30.53
C PRO A 28 13.95 -21.53 -30.63
N LYS A 29 12.70 -21.16 -30.40
CA LYS A 29 12.32 -19.75 -30.37
C LYS A 29 13.15 -18.94 -29.40
N GLU A 30 13.86 -19.60 -28.49
CA GLU A 30 14.87 -18.96 -27.66
C GLU A 30 16.28 -19.43 -27.96
N LEU A 31 16.44 -20.67 -28.43
CA LEU A 31 17.77 -21.18 -28.74
C LEU A 31 18.45 -20.36 -29.82
N LEU A 32 17.72 -20.01 -30.88
CA LEU A 32 18.26 -19.18 -31.96
C LEU A 32 18.00 -17.70 -31.74
N HIS A 33 17.85 -17.26 -30.49
CA HIS A 33 17.55 -15.87 -30.20
C HIS A 33 18.39 -15.35 -29.04
N GLY A 34 19.63 -15.85 -28.90
CA GLY A 34 20.54 -15.38 -27.90
C GLY A 34 20.41 -16.03 -26.54
N HIS A 35 19.40 -16.85 -26.33
CA HIS A 35 19.21 -17.49 -25.03
C HIS A 35 20.13 -18.69 -24.91
N GLN A 36 20.90 -18.74 -23.82
CA GLN A 36 21.75 -19.89 -23.52
C GLN A 36 21.70 -20.15 -22.02
N SER A 37 22.02 -21.40 -21.66
CA SER A 37 22.01 -21.82 -20.25
C SER A 37 23.25 -21.28 -19.57
N CYS A 38 23.19 -19.99 -19.21
CA CYS A 38 24.26 -19.38 -18.45
C CYS A 38 24.48 -20.08 -17.11
N LEU A 39 23.48 -20.80 -16.62
CA LEU A 39 23.61 -21.53 -15.38
C LEU A 39 24.53 -22.74 -15.56
N GLN A 40 24.68 -23.52 -14.49
CA GLN A 40 25.58 -24.67 -14.47
C GLN A 40 25.00 -25.68 -13.48
N VAL A 41 24.22 -26.63 -14.00
CA VAL A 41 23.68 -27.68 -13.16
C VAL A 41 24.77 -28.68 -12.81
N GLU A 42 24.68 -29.26 -11.60
CA GLU A 42 25.59 -30.32 -11.18
C GLU A 42 24.80 -31.28 -10.31
N PRO A 43 24.12 -32.26 -10.93
CA PRO A 43 23.22 -33.11 -10.15
C PRO A 43 23.96 -34.12 -9.28
N GLY A 44 25.10 -34.62 -9.73
CA GLY A 44 25.83 -35.59 -8.95
C GLY A 44 26.27 -35.05 -7.60
N LEU A 45 26.86 -33.86 -7.60
CA LEU A 45 27.21 -33.17 -6.36
C LEU A 45 26.04 -32.41 -5.78
N GLY A 46 24.92 -32.33 -6.50
CA GLY A 46 23.74 -31.66 -5.99
C GLY A 46 23.93 -30.17 -5.75
N ARG A 47 24.11 -29.41 -6.83
CA ARG A 47 24.33 -27.96 -6.71
C ARG A 47 24.06 -27.32 -8.07
N VAL A 48 23.94 -25.99 -8.05
CA VAL A 48 23.74 -25.23 -9.28
C VAL A 48 24.52 -23.93 -9.16
N THR A 49 25.25 -23.61 -10.22
CA THR A 49 26.02 -22.38 -10.32
C THR A 49 25.33 -21.46 -11.31
N LEU A 50 25.60 -20.16 -11.19
CA LEU A 50 25.08 -19.18 -12.14
C LEU A 50 26.20 -18.23 -12.55
N GLY A 51 26.23 -17.89 -13.83
CA GLY A 51 27.33 -17.11 -14.36
C GLY A 51 28.60 -17.91 -14.35
N ARG A 52 29.50 -17.61 -13.42
CA ARG A 52 30.73 -18.36 -13.26
C ARG A 52 31.04 -18.75 -11.82
N ASP A 53 30.29 -18.26 -10.84
CA ASP A 53 30.64 -18.53 -9.45
C ASP A 53 29.47 -18.74 -8.50
N ARG A 54 28.23 -18.74 -8.97
CA ARG A 54 27.08 -18.73 -8.06
C ARG A 54 26.62 -20.16 -7.75
N HIS A 55 27.56 -20.97 -7.25
CA HIS A 55 27.26 -22.34 -6.85
C HIS A 55 26.39 -22.33 -5.59
N PHE A 56 25.16 -22.80 -5.72
CA PHE A 56 24.25 -22.88 -4.58
C PHE A 56 23.98 -24.34 -4.22
N GLY A 57 23.68 -24.58 -2.95
CA GLY A 57 23.55 -25.92 -2.45
C GLY A 57 22.13 -26.40 -2.22
N PHE A 58 21.71 -27.39 -3.01
CA PHE A 58 20.42 -28.04 -2.85
C PHE A 58 20.66 -29.53 -2.69
N HIS A 59 20.09 -30.12 -1.62
CA HIS A 59 20.29 -31.53 -1.38
C HIS A 59 19.64 -32.39 -2.47
N VAL A 60 18.74 -31.82 -3.25
CA VAL A 60 18.15 -32.50 -4.40
C VAL A 60 18.04 -31.49 -5.53
N VAL A 61 18.66 -31.82 -6.67
CA VAL A 61 18.49 -31.05 -7.90
C VAL A 61 18.22 -32.04 -9.02
N LEU A 62 17.60 -31.53 -10.08
CA LEU A 62 17.19 -32.37 -11.20
C LEU A 62 17.78 -31.85 -12.50
N ALA A 63 17.77 -32.72 -13.51
CA ALA A 63 18.27 -32.36 -14.83
C ALA A 63 17.22 -31.55 -15.58
N GLU A 64 17.41 -31.39 -16.89
CA GLU A 64 16.46 -30.67 -17.73
C GLU A 64 15.50 -31.60 -18.45
N ASP A 65 15.71 -32.92 -18.37
CA ASP A 65 14.84 -33.87 -19.07
C ASP A 65 14.52 -35.10 -18.24
N ALA A 66 14.74 -35.07 -16.93
CA ALA A 66 14.41 -36.21 -16.07
C ALA A 66 12.92 -36.49 -16.15
N GLY A 67 12.58 -37.76 -16.40
CA GLY A 67 11.19 -38.12 -16.63
C GLY A 67 10.30 -37.81 -15.44
N GLN A 68 9.00 -37.74 -15.71
CA GLN A 68 8.04 -37.49 -14.65
C GLN A 68 8.11 -38.59 -13.60
N GLU A 69 8.17 -39.84 -14.05
CA GLU A 69 8.41 -40.92 -13.11
C GLU A 69 9.82 -40.85 -12.53
N ALA A 70 10.77 -40.27 -13.25
CA ALA A 70 12.11 -40.11 -12.70
C ALA A 70 12.10 -39.17 -11.52
N VAL A 71 11.58 -37.95 -11.71
CA VAL A 71 11.47 -37.02 -10.60
C VAL A 71 10.56 -37.57 -9.53
N TYR A 72 9.58 -38.40 -9.92
CA TYR A 72 8.71 -39.04 -8.97
C TYR A 72 9.52 -39.92 -8.03
N GLN A 73 10.16 -40.95 -8.57
CA GLN A 73 11.00 -41.81 -7.74
C GLN A 73 12.11 -41.03 -7.06
N ALA A 74 12.42 -39.82 -7.54
CA ALA A 74 13.40 -38.98 -6.88
C ALA A 74 12.85 -38.43 -5.56
N CYS A 75 11.71 -37.75 -5.61
CA CYS A 75 11.22 -37.03 -4.43
C CYS A 75 9.87 -37.52 -3.93
N VAL A 76 8.93 -37.81 -4.81
CA VAL A 76 7.57 -38.13 -4.39
C VAL A 76 7.53 -39.43 -3.59
N GLN A 77 8.38 -40.38 -3.94
CA GLN A 77 8.31 -41.70 -3.32
C GLN A 77 8.47 -41.64 -1.80
N PRO A 78 9.44 -40.90 -1.24
CA PRO A 78 9.44 -40.73 0.22
C PRO A 78 8.16 -40.10 0.74
N LEU A 79 7.52 -39.24 -0.04
CA LEU A 79 6.28 -38.63 0.41
C LEU A 79 5.13 -39.63 0.38
N LEU A 80 5.05 -40.45 -0.68
CA LEU A 80 4.08 -41.53 -0.69
C LEU A 80 4.31 -42.49 0.46
N GLU A 81 5.56 -42.67 0.86
CA GLU A 81 5.87 -43.51 2.02
C GLU A 81 5.33 -42.87 3.30
N ALA A 82 5.79 -41.66 3.61
CA ALA A 82 5.39 -40.97 4.83
C ALA A 82 3.93 -40.54 4.82
N PHE A 83 3.20 -40.78 3.73
CA PHE A 83 1.77 -40.50 3.71
C PHE A 83 1.03 -41.20 4.83
N PHE A 84 1.63 -42.23 5.44
CA PHE A 84 1.01 -42.97 6.52
C PHE A 84 1.66 -42.66 7.86
N GLU A 85 2.39 -41.55 7.94
CA GLU A 85 3.05 -41.11 9.17
C GLU A 85 2.09 -40.42 10.13
N GLY A 86 0.83 -40.27 9.76
CA GLY A 86 -0.15 -39.65 10.61
C GLY A 86 0.09 -38.16 10.75
N PHE A 87 0.98 -37.61 9.92
CA PHE A 87 1.25 -36.19 9.89
C PHE A 87 1.32 -35.72 8.46
N ASN A 88 0.80 -34.52 8.21
CA ASN A 88 0.52 -34.07 6.85
C ASN A 88 1.80 -33.79 6.07
N ALA A 89 1.78 -34.16 4.80
CA ALA A 89 2.83 -33.83 3.85
C ALA A 89 2.31 -32.89 2.78
N THR A 90 3.21 -32.09 2.22
CA THR A 90 2.83 -31.06 1.25
C THR A 90 3.95 -30.83 0.25
N VAL A 91 3.58 -30.15 -0.83
CA VAL A 91 4.54 -29.72 -1.85
C VAL A 91 3.89 -28.60 -2.65
N PHE A 92 4.70 -27.63 -3.05
CA PHE A 92 4.20 -26.47 -3.78
C PHE A 92 5.01 -26.27 -5.05
N ALA A 93 4.35 -25.76 -6.08
CA ALA A 93 4.99 -25.44 -7.36
C ALA A 93 5.20 -23.94 -7.42
N TYR A 94 6.47 -23.54 -7.48
CA TYR A 94 6.86 -22.15 -7.32
C TYR A 94 7.62 -21.69 -8.55
N GLY A 95 7.51 -20.40 -8.87
CA GLY A 95 8.31 -19.83 -9.92
C GLY A 95 7.51 -18.90 -10.80
N GLN A 96 7.94 -18.78 -12.05
CA GLN A 96 7.44 -17.80 -13.00
C GLN A 96 6.43 -18.43 -13.96
N THR A 97 5.70 -17.58 -14.66
CA THR A 97 4.85 -18.03 -15.76
C THR A 97 5.70 -18.75 -16.80
N GLY A 98 5.06 -19.71 -17.47
CA GLY A 98 5.75 -20.50 -18.46
C GLY A 98 6.92 -21.31 -17.96
N SER A 99 7.02 -21.53 -16.65
CA SER A 99 8.15 -22.25 -16.10
C SER A 99 7.88 -23.73 -15.88
N GLY A 100 6.97 -24.32 -16.64
CA GLY A 100 6.79 -25.76 -16.61
C GLY A 100 6.16 -26.30 -15.34
N LYS A 101 5.72 -25.43 -14.43
CA LYS A 101 5.18 -25.91 -13.17
C LYS A 101 3.96 -26.79 -13.38
N THR A 102 3.06 -26.38 -14.28
CA THR A 102 1.94 -27.25 -14.65
C THR A 102 2.45 -28.59 -15.15
N TYR A 103 3.47 -28.56 -16.01
CA TYR A 103 4.10 -29.81 -16.43
C TYR A 103 4.93 -30.42 -15.32
N THR A 104 5.50 -29.61 -14.42
CA THR A 104 6.31 -30.15 -13.33
C THR A 104 5.47 -31.08 -12.46
N MET A 105 4.43 -30.55 -11.83
CA MET A 105 3.48 -31.44 -11.17
C MET A 105 2.69 -32.29 -12.15
N GLY A 106 2.81 -32.01 -13.45
CA GLY A 106 2.29 -32.89 -14.47
C GLY A 106 0.79 -33.09 -14.43
N GLU A 107 0.04 -32.05 -14.72
CA GLU A 107 -1.42 -32.11 -14.74
C GLU A 107 -1.94 -31.37 -15.95
N ALA A 108 -3.27 -31.41 -16.10
CA ALA A 108 -3.98 -30.69 -17.15
C ALA A 108 -3.51 -31.06 -18.55
N SER A 109 -2.75 -32.14 -18.68
CA SER A 109 -2.25 -32.63 -19.98
C SER A 109 -2.78 -34.04 -20.14
N VAL A 110 -3.99 -34.16 -20.69
CA VAL A 110 -4.64 -35.46 -20.78
C VAL A 110 -4.56 -35.99 -22.20
N ALA A 111 -3.53 -36.79 -22.47
CA ALA A 111 -3.43 -37.52 -23.72
C ALA A 111 -3.02 -38.97 -23.51
N SER A 112 -2.34 -39.30 -22.40
CA SER A 112 -2.03 -40.68 -22.02
C SER A 112 -1.20 -41.39 -23.08
N LEU A 113 -0.43 -40.63 -23.87
CA LEU A 113 0.41 -41.25 -24.87
C LEU A 113 1.60 -41.96 -24.24
N LEU A 114 2.32 -41.28 -23.35
CA LEU A 114 3.54 -41.84 -22.79
C LEU A 114 3.68 -41.65 -21.29
N GLU A 115 2.69 -41.08 -20.62
CA GLU A 115 2.72 -40.88 -19.17
C GLU A 115 3.84 -39.93 -18.75
N ASP A 116 4.59 -39.41 -19.71
CA ASP A 116 5.46 -38.28 -19.41
C ASP A 116 4.78 -36.94 -19.71
N GLU A 117 3.65 -36.96 -20.41
CA GLU A 117 2.80 -35.80 -20.52
C GLU A 117 2.29 -35.42 -19.13
N GLN A 118 1.55 -36.33 -18.51
CA GLN A 118 1.04 -36.12 -17.17
C GLN A 118 2.04 -36.67 -16.15
N GLY A 119 2.24 -35.94 -15.08
CA GLY A 119 3.27 -36.27 -14.12
C GLY A 119 2.79 -36.58 -12.72
N ILE A 120 3.03 -35.66 -11.79
CA ILE A 120 2.94 -35.96 -10.36
C ILE A 120 1.53 -36.39 -9.97
N VAL A 121 0.52 -35.67 -10.45
CA VAL A 121 -0.85 -35.90 -10.00
C VAL A 121 -1.31 -37.31 -10.36
N PRO A 122 -1.38 -37.70 -11.64
CA PRO A 122 -1.89 -39.03 -11.94
C PRO A 122 -0.98 -40.14 -11.46
N ARG A 123 0.33 -39.94 -11.52
CA ARG A 123 1.26 -40.96 -11.03
C ARG A 123 1.06 -41.21 -9.54
N ALA A 124 0.97 -40.15 -8.76
CA ALA A 124 0.75 -40.29 -7.32
C ALA A 124 -0.59 -40.95 -7.04
N MET A 125 -1.62 -40.57 -7.80
CA MET A 125 -2.93 -41.18 -7.58
C MET A 125 -2.89 -42.68 -7.86
N ALA A 126 -2.30 -43.06 -8.99
CA ALA A 126 -2.21 -44.47 -9.35
C ALA A 126 -1.41 -45.25 -8.31
N GLU A 127 -0.30 -44.69 -7.85
CA GLU A 127 0.53 -45.41 -6.88
C GLU A 127 -0.20 -45.54 -5.54
N ALA A 128 -0.92 -44.50 -5.12
CA ALA A 128 -1.73 -44.60 -3.91
C ALA A 128 -2.76 -45.70 -4.05
N PHE A 129 -3.53 -45.70 -5.14
CA PHE A 129 -4.52 -46.75 -5.35
C PHE A 129 -3.89 -48.12 -5.35
N LYS A 130 -2.72 -48.27 -5.96
CA LYS A 130 -2.06 -49.58 -5.98
C LYS A 130 -1.60 -49.97 -4.58
N LEU A 131 -1.28 -48.99 -3.73
CA LEU A 131 -1.01 -49.32 -2.34
C LEU A 131 -2.29 -49.63 -1.58
N ILE A 132 -3.45 -49.22 -2.10
CA ILE A 132 -4.72 -49.63 -1.52
C ILE A 132 -5.15 -50.99 -2.04
N ASP A 133 -4.77 -51.32 -3.28
CA ASP A 133 -5.10 -52.61 -3.86
C ASP A 133 -4.54 -53.76 -3.04
N GLU A 134 -3.54 -53.51 -2.22
CA GLU A 134 -2.88 -54.54 -1.44
C GLU A 134 -3.25 -54.53 0.04
N ASN A 135 -3.50 -53.37 0.63
CA ASN A 135 -3.81 -53.26 2.05
C ASN A 135 -5.19 -52.64 2.20
N ASP A 136 -6.10 -53.39 2.81
CA ASP A 136 -7.46 -52.92 3.07
C ASP A 136 -7.92 -53.36 4.45
N LEU A 137 -7.03 -53.29 5.44
CA LEU A 137 -7.32 -53.82 6.76
C LEU A 137 -8.12 -52.84 7.61
N LEU A 138 -7.57 -51.67 7.87
CA LEU A 138 -8.14 -50.74 8.84
C LEU A 138 -9.29 -49.98 8.19
N ASP A 139 -9.85 -49.02 8.94
CA ASP A 139 -10.91 -48.15 8.43
C ASP A 139 -10.25 -46.85 7.97
N CYS A 140 -10.07 -46.72 6.66
CA CYS A 140 -9.32 -45.59 6.12
C CYS A 140 -9.87 -45.28 4.73
N LEU A 141 -10.52 -44.13 4.58
CA LEU A 141 -11.08 -43.70 3.31
C LEU A 141 -10.53 -42.33 2.95
N VAL A 142 -10.36 -42.09 1.66
CA VAL A 142 -9.70 -40.89 1.15
C VAL A 142 -10.62 -40.15 0.19
N HIS A 143 -10.73 -38.85 0.37
CA HIS A 143 -11.42 -37.95 -0.55
C HIS A 143 -10.46 -36.87 -1.00
N VAL A 144 -10.95 -35.97 -1.85
CA VAL A 144 -10.10 -34.96 -2.47
C VAL A 144 -10.85 -33.64 -2.54
N SER A 145 -10.09 -32.55 -2.63
CA SER A 145 -10.62 -31.22 -2.84
C SER A 145 -9.74 -30.52 -3.86
N TYR A 146 -10.35 -29.76 -4.77
CA TYR A 146 -9.59 -29.18 -5.87
C TYR A 146 -10.25 -27.85 -6.26
N LEU A 147 -9.68 -26.75 -5.78
CA LEU A 147 -10.24 -25.41 -5.97
C LEU A 147 -9.19 -24.50 -6.60
N GLU A 148 -9.57 -23.24 -6.76
CA GLU A 148 -8.67 -22.21 -7.26
C GLU A 148 -8.89 -20.94 -6.44
N VAL A 149 -7.86 -20.10 -6.41
CA VAL A 149 -7.97 -18.76 -5.85
C VAL A 149 -7.44 -17.77 -6.88
N TYR A 150 -8.15 -16.66 -7.03
CA TYR A 150 -7.82 -15.67 -8.03
C TYR A 150 -8.41 -14.34 -7.59
N LYS A 151 -7.66 -13.27 -7.84
CA LYS A 151 -8.02 -11.95 -7.34
C LYS A 151 -8.25 -11.96 -5.83
N GLU A 152 -7.50 -12.83 -5.14
CA GLU A 152 -7.61 -13.01 -3.69
C GLU A 152 -9.01 -13.44 -3.27
N GLU A 153 -9.73 -14.10 -4.18
CA GLU A 153 -11.06 -14.63 -3.91
C GLU A 153 -11.07 -16.11 -4.26
N PHE A 154 -11.90 -16.86 -3.56
CA PHE A 154 -11.98 -18.30 -3.76
C PHE A 154 -12.97 -18.64 -4.85
N ARG A 155 -12.67 -19.70 -5.61
CA ARG A 155 -13.59 -20.23 -6.61
C ARG A 155 -13.21 -21.69 -6.83
N ASP A 156 -14.04 -22.60 -6.36
CA ASP A 156 -13.74 -24.01 -6.47
C ASP A 156 -13.75 -24.46 -7.93
N LEU A 157 -13.01 -25.52 -8.21
CA LEU A 157 -13.07 -26.17 -9.52
C LEU A 157 -14.06 -27.32 -9.50
N LEU A 158 -13.96 -28.20 -8.51
CA LEU A 158 -14.94 -29.26 -8.33
C LEU A 158 -16.35 -28.72 -8.26
N GLU A 159 -16.53 -27.53 -7.69
CA GLU A 159 -17.78 -26.80 -7.76
C GLU A 159 -17.73 -25.84 -8.95
N VAL A 160 -18.88 -25.69 -9.61
CA VAL A 160 -18.93 -24.78 -10.75
C VAL A 160 -18.91 -23.33 -10.28
N GLY A 161 -19.54 -23.02 -9.14
CA GLY A 161 -19.57 -21.67 -8.65
C GLY A 161 -20.29 -21.50 -7.33
N THR A 162 -19.84 -20.56 -6.52
CA THR A 162 -20.43 -20.26 -5.22
C THR A 162 -19.83 -18.95 -4.74
N ALA A 163 -20.65 -18.12 -4.09
CA ALA A 163 -20.19 -16.84 -3.61
C ALA A 163 -19.02 -17.01 -2.65
N SER A 164 -18.11 -16.05 -2.65
CA SER A 164 -16.88 -16.16 -1.88
C SER A 164 -17.18 -16.30 -0.39
N ARG A 165 -18.12 -15.49 0.11
CA ARG A 165 -18.39 -15.46 1.55
C ARG A 165 -18.74 -16.83 2.11
N ASP A 166 -19.29 -17.72 1.29
CA ASP A 166 -19.64 -19.04 1.80
C ASP A 166 -18.40 -19.90 1.98
N ILE A 167 -17.69 -20.18 0.89
CA ILE A 167 -16.50 -21.01 0.96
C ILE A 167 -15.43 -20.25 1.75
N GLN A 168 -15.01 -20.83 2.86
CA GLN A 168 -14.17 -20.11 3.80
C GLN A 168 -13.18 -21.07 4.46
N LEU A 169 -12.12 -20.48 5.00
CA LEU A 169 -11.25 -21.17 5.93
C LEU A 169 -11.91 -21.21 7.30
N ARG A 170 -11.44 -22.13 8.14
CA ARG A 170 -11.91 -22.29 9.51
C ARG A 170 -10.75 -22.77 10.37
N GLU A 171 -10.71 -22.31 11.62
CA GLU A 171 -9.68 -22.73 12.56
C GLU A 171 -10.35 -23.23 13.82
N ASP A 172 -10.09 -24.50 14.15
CA ASP A 172 -10.67 -25.11 15.33
C ASP A 172 -9.88 -24.74 16.57
N GLU A 173 -10.47 -25.03 17.73
CA GLU A 173 -9.76 -24.82 18.99
C GLU A 173 -8.48 -25.65 19.04
N ARG A 174 -8.45 -26.76 18.32
CA ARG A 174 -7.23 -27.55 18.17
C ARG A 174 -6.22 -26.86 17.27
N GLY A 175 -6.60 -25.80 16.57
CA GLY A 175 -5.67 -25.09 15.72
C GLY A 175 -5.28 -25.89 14.49
N ASN A 176 -6.24 -26.12 13.60
CA ASN A 176 -5.98 -26.82 12.35
C ASN A 176 -6.85 -26.21 11.26
N VAL A 177 -6.37 -26.33 10.02
CA VAL A 177 -7.08 -25.75 8.89
C VAL A 177 -8.33 -26.58 8.61
N VAL A 178 -9.43 -25.89 8.30
CA VAL A 178 -10.67 -26.52 7.89
C VAL A 178 -11.21 -25.73 6.71
N LEU A 179 -11.88 -26.40 5.79
CA LEU A 179 -12.44 -25.75 4.62
C LEU A 179 -13.94 -25.98 4.60
N CYS A 180 -14.72 -24.90 4.53
CA CYS A 180 -16.16 -25.00 4.52
C CYS A 180 -16.71 -24.42 3.23
N GLY A 181 -17.82 -25.02 2.76
CA GLY A 181 -18.51 -24.60 1.57
C GLY A 181 -18.04 -25.30 0.31
N VAL A 182 -16.81 -25.80 0.28
CA VAL A 182 -16.28 -26.45 -0.91
C VAL A 182 -17.06 -27.73 -1.18
N LYS A 183 -17.16 -28.10 -2.45
CA LYS A 183 -17.74 -29.38 -2.82
C LYS A 183 -16.75 -30.50 -2.58
N GLU A 184 -17.23 -31.56 -1.94
CA GLU A 184 -16.39 -32.70 -1.61
C GLU A 184 -16.74 -33.87 -2.51
N VAL A 185 -15.71 -34.57 -3.00
CA VAL A 185 -15.88 -35.78 -3.78
C VAL A 185 -14.87 -36.80 -3.27
N ASP A 186 -15.36 -37.93 -2.79
CA ASP A 186 -14.46 -39.00 -2.38
C ASP A 186 -14.06 -39.84 -3.58
N VAL A 187 -12.85 -40.40 -3.51
CA VAL A 187 -12.27 -41.13 -4.62
C VAL A 187 -12.31 -42.61 -4.31
N GLU A 188 -12.65 -43.41 -5.32
CA GLU A 188 -12.63 -44.86 -5.23
C GLU A 188 -11.96 -45.55 -6.41
N GLY A 189 -11.95 -44.93 -7.58
CA GLY A 189 -11.31 -45.53 -8.75
C GLY A 189 -10.59 -44.47 -9.55
N LEU A 190 -9.52 -44.90 -10.22
CA LEU A 190 -8.64 -43.95 -10.91
C LEU A 190 -9.35 -43.28 -12.08
N ASP A 191 -10.30 -43.96 -12.70
CA ASP A 191 -11.09 -43.32 -13.75
C ASP A 191 -11.82 -42.09 -13.21
N GLU A 192 -12.42 -42.23 -12.03
CA GLU A 192 -13.04 -41.10 -11.36
C GLU A 192 -12.03 -39.97 -11.18
N VAL A 193 -10.81 -40.33 -10.77
CA VAL A 193 -9.77 -39.33 -10.55
C VAL A 193 -9.51 -38.56 -11.84
N LEU A 194 -9.21 -39.27 -12.92
CA LEU A 194 -8.89 -38.61 -14.17
C LEU A 194 -10.05 -37.75 -14.65
N SER A 195 -11.28 -38.27 -14.55
CA SER A 195 -12.43 -37.52 -15.04
C SER A 195 -12.65 -36.25 -14.22
N LEU A 196 -12.56 -36.36 -12.89
CA LEU A 196 -12.77 -35.18 -12.06
C LEU A 196 -11.68 -34.15 -12.28
N LEU A 197 -10.43 -34.59 -12.44
CA LEU A 197 -9.36 -33.64 -12.72
C LEU A 197 -9.58 -32.96 -14.06
N GLU A 198 -9.99 -33.73 -15.07
CA GLU A 198 -10.29 -33.16 -16.37
C GLU A 198 -11.36 -32.09 -16.25
N MET A 199 -12.49 -32.41 -15.62
CA MET A 199 -13.58 -31.45 -15.53
C MET A 199 -13.19 -30.27 -14.65
N GLY A 200 -12.35 -30.49 -13.64
CA GLY A 200 -11.92 -29.39 -12.80
C GLY A 200 -11.06 -28.41 -13.56
N ASN A 201 -10.10 -28.93 -14.33
CA ASN A 201 -9.34 -28.05 -15.23
C ASN A 201 -10.27 -27.35 -16.20
N ALA A 202 -11.19 -28.10 -16.81
CA ALA A 202 -12.12 -27.55 -17.79
C ALA A 202 -13.15 -26.61 -17.17
N ALA A 203 -13.14 -26.43 -15.85
CA ALA A 203 -14.04 -25.50 -15.21
C ALA A 203 -13.31 -24.43 -14.39
N ARG A 204 -12.06 -24.20 -14.81
CA ARG A 204 -11.14 -23.22 -14.25
C ARG A 204 -10.11 -22.76 -15.31
N HIS A 205 -9.55 -23.71 -16.08
CA HIS A 205 -8.48 -23.50 -17.11
C HIS A 205 -7.12 -22.97 -16.59
N THR A 206 -6.15 -22.59 -17.44
CA THR A 206 -5.00 -22.09 -16.72
C THR A 206 -5.27 -21.17 -15.55
N GLY A 207 -6.42 -20.50 -15.58
CA GLY A 207 -6.79 -19.58 -14.52
C GLY A 207 -8.30 -19.47 -14.51
N ALA A 208 -8.78 -18.63 -13.59
CA ALA A 208 -10.21 -18.36 -13.50
C ALA A 208 -10.72 -17.78 -14.81
N THR A 209 -10.13 -16.68 -15.25
CA THR A 209 -10.20 -16.24 -16.64
C THR A 209 -9.06 -17.01 -17.30
N HIS A 210 -9.37 -17.77 -18.34
CA HIS A 210 -8.54 -18.91 -18.78
C HIS A 210 -7.08 -18.44 -18.88
N LEU A 211 -6.73 -17.60 -19.85
CA LEU A 211 -5.47 -16.86 -19.84
C LEU A 211 -5.38 -16.08 -21.15
N ASN A 212 -4.37 -15.22 -21.24
CA ASN A 212 -4.01 -14.64 -22.53
C ASN A 212 -3.44 -15.70 -23.46
N HIS A 213 -2.41 -16.42 -23.01
CA HIS A 213 -1.96 -17.58 -23.78
C HIS A 213 -1.55 -18.73 -22.86
N LEU A 214 -2.53 -19.54 -22.46
CA LEU A 214 -2.39 -20.92 -21.96
C LEU A 214 -1.21 -21.15 -21.02
N SER A 215 -0.92 -20.28 -20.05
CA SER A 215 0.12 -20.64 -19.09
C SER A 215 0.02 -19.86 -17.79
N SER A 216 -0.48 -20.52 -16.74
CA SER A 216 -0.26 -20.14 -15.35
C SER A 216 -0.75 -18.73 -14.96
N ARG A 217 -2.06 -18.52 -14.92
CA ARG A 217 -2.63 -17.25 -14.44
C ARG A 217 -2.88 -17.27 -12.93
N SER A 218 -3.65 -18.23 -12.44
CA SER A 218 -4.14 -18.19 -11.07
C SER A 218 -3.42 -19.22 -10.21
N HIS A 219 -3.90 -19.39 -8.98
CA HIS A 219 -3.33 -20.33 -8.03
C HIS A 219 -4.28 -21.51 -7.89
N THR A 220 -3.80 -22.70 -8.22
CA THR A 220 -4.61 -23.90 -8.14
C THR A 220 -4.27 -24.68 -6.87
N VAL A 221 -5.30 -25.06 -6.12
CA VAL A 221 -5.12 -25.75 -4.86
C VAL A 221 -5.81 -27.10 -4.94
N PHE A 222 -5.18 -28.11 -4.33
CA PHE A 222 -5.74 -29.45 -4.28
C PHE A 222 -5.26 -30.12 -3.00
N THR A 223 -6.02 -31.09 -2.54
CA THR A 223 -5.70 -31.77 -1.30
C THR A 223 -6.28 -33.17 -1.32
N VAL A 224 -5.42 -34.14 -0.97
CA VAL A 224 -5.79 -35.52 -0.71
C VAL A 224 -5.99 -35.68 0.79
N THR A 225 -7.09 -36.33 1.17
CA THR A 225 -7.48 -36.42 2.57
C THR A 225 -7.79 -37.88 2.90
N LEU A 226 -6.89 -38.53 3.63
CA LEU A 226 -7.10 -39.90 4.08
C LEU A 226 -6.73 -39.97 5.55
N GLU A 227 -7.66 -40.41 6.39
CA GLU A 227 -7.37 -40.53 7.80
C GLU A 227 -6.90 -41.95 8.11
N GLN A 228 -5.81 -42.04 8.87
CA GLN A 228 -5.34 -43.30 9.45
C GLN A 228 -5.00 -42.96 10.89
N ARG A 229 -6.03 -42.99 11.74
CA ARG A 229 -5.92 -42.42 13.08
C ARG A 229 -4.87 -43.16 13.90
N GLY A 230 -4.42 -42.50 14.97
CA GLY A 230 -3.49 -43.13 15.89
C GLY A 230 -4.14 -44.23 16.68
N ARG A 231 -3.79 -45.48 16.38
CA ARG A 231 -4.36 -46.63 17.08
C ARG A 231 -3.34 -47.24 18.04
N PRO A 241 -11.25 -45.76 15.94
CA PRO A 241 -12.15 -45.29 17.00
C PRO A 241 -11.38 -44.72 18.19
N GLY A 242 -10.85 -43.51 18.04
CA GLY A 242 -10.10 -42.88 19.13
C GLY A 242 -9.13 -41.81 18.69
N GLN A 243 -7.88 -41.93 19.12
CA GLN A 243 -6.84 -40.96 18.81
C GLN A 243 -6.72 -40.75 17.31
N LEU A 244 -7.04 -39.53 16.84
CA LEU A 244 -7.17 -39.23 15.43
C LEU A 244 -5.90 -38.51 14.95
N LEU A 245 -4.85 -39.29 14.73
CA LEU A 245 -3.60 -38.80 14.20
C LEU A 245 -3.58 -39.09 12.70
N VAL A 246 -3.63 -38.05 11.88
CA VAL A 246 -3.94 -38.18 10.47
C VAL A 246 -2.92 -37.44 9.62
N SER A 247 -2.57 -38.02 8.48
CA SER A 247 -1.70 -37.40 7.49
C SER A 247 -2.52 -37.09 6.23
N LYS A 248 -2.39 -35.87 5.72
CA LYS A 248 -3.03 -35.46 4.49
C LYS A 248 -1.97 -35.02 3.49
N PHE A 249 -2.42 -34.56 2.32
CA PHE A 249 -1.45 -34.11 1.34
C PHE A 249 -2.05 -33.00 0.49
N HIS A 250 -1.18 -32.18 -0.11
CA HIS A 250 -1.60 -31.06 -0.92
C HIS A 250 -0.87 -31.03 -2.25
N PHE A 251 -1.60 -30.64 -3.30
CA PHE A 251 -1.10 -30.31 -4.62
C PHE A 251 -1.40 -28.82 -4.83
N VAL A 252 -0.46 -27.95 -4.52
CA VAL A 252 -0.65 -26.53 -4.70
C VAL A 252 0.30 -26.02 -5.77
N ASP A 253 -0.25 -25.36 -6.78
CA ASP A 253 0.51 -24.74 -7.85
C ASP A 253 0.20 -23.25 -7.85
N LEU A 254 1.15 -22.46 -7.39
CA LEU A 254 0.97 -21.01 -7.41
C LEU A 254 1.04 -20.52 -8.86
N ALA A 255 0.76 -19.25 -9.06
CA ALA A 255 0.80 -18.67 -10.39
C ALA A 255 2.23 -18.29 -10.75
N GLY A 256 2.38 -17.53 -11.84
CA GLY A 256 3.70 -17.06 -12.23
C GLY A 256 4.10 -15.81 -11.48
N SER A 257 5.39 -15.49 -11.58
CA SER A 257 5.97 -14.39 -10.81
C SER A 257 6.52 -13.34 -11.74
N GLU A 258 5.71 -12.89 -12.70
CA GLU A 258 6.22 -12.03 -13.76
C GLU A 258 6.65 -10.68 -13.20
N ARG A 259 7.92 -10.58 -12.86
CA ARG A 259 8.51 -9.41 -12.23
C ARG A 259 9.11 -8.46 -13.26
N VAL A 260 10.07 -8.95 -14.04
CA VAL A 260 10.71 -8.13 -15.06
C VAL A 260 9.71 -7.69 -16.12
N LEU A 261 8.56 -8.37 -16.22
CA LEU A 261 7.52 -7.93 -17.15
C LEU A 261 6.58 -6.93 -16.49
N LYS A 262 7.18 -5.93 -15.83
CA LYS A 262 6.45 -4.71 -15.56
C LYS A 262 6.31 -3.90 -16.84
N THR A 263 7.29 -3.99 -17.72
CA THR A 263 7.21 -3.41 -19.06
C THR A 263 6.43 -4.29 -20.02
N GLY A 264 5.93 -5.44 -19.55
CA GLY A 264 5.23 -6.37 -20.42
C GLY A 264 3.73 -6.24 -20.31
N SER A 265 3.11 -7.13 -19.53
CA SER A 265 1.68 -7.03 -19.26
C SER A 265 1.35 -5.66 -18.69
N THR A 266 0.59 -4.88 -19.45
CA THR A 266 0.31 -3.49 -19.08
C THR A 266 -1.17 -3.21 -19.29
N GLY A 267 -1.74 -2.42 -18.40
CA GLY A 267 -3.14 -2.07 -18.50
C GLY A 267 -3.99 -3.04 -17.70
N GLU A 268 -5.09 -3.48 -18.31
CA GLU A 268 -6.00 -4.38 -17.61
C GLU A 268 -5.29 -5.67 -17.18
N ARG A 269 -4.48 -6.23 -18.07
CA ARG A 269 -3.72 -7.42 -17.71
C ARG A 269 -2.72 -7.12 -16.60
N LEU A 270 -2.19 -5.89 -16.55
CA LEU A 270 -1.28 -5.52 -15.48
C LEU A 270 -1.98 -5.56 -14.13
N LYS A 271 -3.18 -4.97 -14.06
CA LYS A 271 -3.95 -5.06 -12.83
C LYS A 271 -4.33 -6.49 -12.52
N GLU A 272 -4.60 -7.29 -13.56
CA GLU A 272 -4.86 -8.71 -13.35
C GLU A 272 -3.69 -9.38 -12.64
N SER A 273 -2.46 -9.05 -13.05
CA SER A 273 -1.30 -9.73 -12.52
C SER A 273 -0.80 -9.13 -11.21
N ILE A 274 -1.15 -7.88 -10.93
CA ILE A 274 -0.56 -7.19 -9.80
C ILE A 274 -0.96 -7.86 -8.50
N GLN A 275 -2.19 -8.39 -8.44
CA GLN A 275 -2.68 -8.99 -7.20
C GLN A 275 -1.96 -10.29 -6.91
N ILE A 276 -1.80 -11.13 -7.93
CA ILE A 276 -1.07 -12.37 -7.73
C ILE A 276 0.38 -12.06 -7.39
N ASN A 277 0.94 -11.01 -7.97
CA ASN A 277 2.29 -10.60 -7.64
C ASN A 277 2.39 -10.24 -6.16
N SER A 278 1.44 -9.46 -5.67
CA SER A 278 1.44 -9.06 -4.27
C SER A 278 1.33 -10.28 -3.36
N SER A 279 0.48 -11.24 -3.74
CA SER A 279 0.33 -12.43 -2.90
C SER A 279 1.62 -13.22 -2.86
N LEU A 280 2.29 -13.37 -4.01
CA LEU A 280 3.58 -14.06 -4.03
C LEU A 280 4.58 -13.37 -3.10
N LEU A 281 4.64 -12.04 -3.17
CA LEU A 281 5.60 -11.35 -2.30
C LEU A 281 5.21 -11.47 -0.84
N ALA A 282 3.91 -11.56 -0.55
CA ALA A 282 3.48 -11.83 0.81
C ALA A 282 4.02 -13.17 1.27
N LEU A 283 3.84 -14.20 0.45
CA LEU A 283 4.34 -15.53 0.80
C LEU A 283 5.85 -15.51 1.00
N GLY A 284 6.56 -14.77 0.16
CA GLY A 284 8.00 -14.67 0.34
C GLY A 284 8.36 -14.03 1.66
N ASN A 285 7.65 -12.96 2.02
CA ASN A 285 7.86 -12.34 3.32
C ASN A 285 7.62 -13.35 4.43
N VAL A 286 6.59 -14.18 4.30
CA VAL A 286 6.31 -15.19 5.31
C VAL A 286 7.49 -16.15 5.45
N ILE A 287 7.85 -16.80 4.34
CA ILE A 287 8.88 -17.83 4.41
C ILE A 287 10.21 -17.24 4.84
N SER A 288 10.41 -15.94 4.62
CA SER A 288 11.70 -15.34 4.96
C SER A 288 11.98 -15.40 6.45
N ALA A 289 10.95 -15.30 7.30
CA ALA A 289 11.14 -15.13 8.73
C ALA A 289 11.37 -16.44 9.46
N LEU A 290 11.77 -17.49 8.75
CA LEU A 290 12.05 -18.77 9.40
C LEU A 290 13.52 -18.87 9.81
N GLY A 291 14.42 -18.76 8.84
CA GLY A 291 15.85 -18.86 9.12
C GLY A 291 16.46 -17.53 9.50
N ASP A 292 15.62 -16.57 9.88
CA ASP A 292 16.09 -15.25 10.29
C ASP A 292 15.39 -14.85 11.60
N PRO A 293 15.71 -15.53 12.70
CA PRO A 293 15.31 -15.04 14.02
C PRO A 293 16.34 -14.16 14.70
N GLN A 294 17.35 -13.71 13.95
CA GLN A 294 18.52 -13.07 14.54
C GLN A 294 18.15 -11.83 15.35
N ARG A 295 17.26 -11.00 14.82
CA ARG A 295 16.84 -9.77 15.50
C ARG A 295 15.38 -9.96 15.93
N ARG A 296 15.18 -10.27 17.21
CA ARG A 296 13.86 -10.35 17.82
C ARG A 296 12.98 -11.38 17.09
N GLY A 297 13.38 -12.63 17.21
CA GLY A 297 12.72 -13.72 16.51
C GLY A 297 11.35 -14.08 17.05
N SER A 298 10.37 -13.20 16.79
CA SER A 298 9.01 -13.42 17.25
C SER A 298 8.27 -14.40 16.33
N HIS A 299 6.95 -14.46 16.48
CA HIS A 299 6.17 -15.43 15.73
C HIS A 299 6.03 -15.03 14.26
N ILE A 300 5.42 -15.92 13.49
CA ILE A 300 5.37 -15.79 12.03
C ILE A 300 4.05 -15.14 11.66
N PRO A 301 4.03 -14.14 10.79
CA PRO A 301 2.77 -13.57 10.31
C PRO A 301 2.08 -14.44 9.27
N TYR A 302 1.30 -15.42 9.73
CA TYR A 302 0.68 -16.35 8.80
C TYR A 302 -0.55 -15.75 8.13
N ARG A 303 -1.50 -15.27 8.92
CA ARG A 303 -2.86 -15.04 8.44
C ARG A 303 -2.98 -13.89 7.47
N ASP A 304 -1.90 -13.33 6.95
CA ASP A 304 -2.02 -12.17 6.07
C ASP A 304 -2.84 -12.48 4.83
N SER A 305 -2.62 -13.64 4.21
CA SER A 305 -3.27 -13.94 2.94
C SER A 305 -3.66 -15.41 2.90
N LYS A 306 -4.59 -15.73 1.99
CA LYS A 306 -5.17 -17.06 1.92
C LYS A 306 -4.11 -18.14 1.78
N ILE A 307 -3.20 -17.97 0.83
CA ILE A 307 -2.18 -18.98 0.57
C ILE A 307 -1.37 -19.25 1.82
N THR A 308 -0.93 -18.17 2.47
CA THR A 308 -0.16 -18.33 3.70
C THR A 308 -0.96 -19.07 4.76
N ARG A 309 -2.26 -18.79 4.85
CA ARG A 309 -3.09 -19.50 5.81
C ARG A 309 -3.12 -20.99 5.50
N ILE A 310 -3.49 -21.35 4.27
CA ILE A 310 -3.66 -22.75 3.91
C ILE A 310 -2.34 -23.50 3.87
N LEU A 311 -1.21 -22.80 3.91
CA LEU A 311 0.08 -23.47 3.98
C LEU A 311 0.75 -23.37 5.35
N LYS A 312 0.19 -22.58 6.27
CA LYS A 312 0.78 -22.48 7.60
C LYS A 312 0.98 -23.84 8.24
N ASP A 313 -0.04 -24.70 8.15
CA ASP A 313 0.07 -26.05 8.67
C ASP A 313 1.23 -26.81 8.03
N SER A 314 1.52 -26.53 6.77
CA SER A 314 2.57 -27.22 6.02
C SER A 314 3.96 -26.90 6.49
N LEU A 315 4.14 -26.10 7.54
CA LEU A 315 5.46 -25.68 7.97
C LEU A 315 5.61 -25.95 9.46
N GLY A 316 6.77 -26.47 9.85
CA GLY A 316 7.10 -26.63 11.24
C GLY A 316 6.31 -27.73 11.93
N GLY A 317 6.55 -27.84 13.24
CA GLY A 317 5.88 -28.81 14.07
C GLY A 317 6.26 -30.24 13.71
N ASN A 318 5.31 -30.97 13.11
CA ASN A 318 5.54 -32.35 12.72
C ASN A 318 5.04 -32.63 11.30
N ALA A 319 4.66 -31.61 10.55
CA ALA A 319 4.18 -31.78 9.19
C ALA A 319 5.36 -31.91 8.22
N LYS A 320 5.20 -32.78 7.23
CA LYS A 320 6.23 -33.05 6.24
C LYS A 320 5.95 -32.29 4.96
N THR A 321 7.02 -31.91 4.27
CA THR A 321 6.87 -31.08 3.08
C THR A 321 8.14 -31.19 2.25
N VAL A 322 7.98 -31.05 0.93
CA VAL A 322 9.09 -30.80 0.03
C VAL A 322 8.69 -29.70 -0.92
N MET A 323 9.66 -29.20 -1.68
CA MET A 323 9.42 -28.11 -2.61
C MET A 323 10.01 -28.42 -3.97
N ILE A 324 9.56 -27.67 -4.97
CA ILE A 324 10.06 -27.79 -6.33
C ILE A 324 10.07 -26.41 -6.97
N ALA A 325 11.12 -26.12 -7.72
CA ALA A 325 11.23 -24.88 -8.47
C ALA A 325 11.74 -25.20 -9.87
N CYS A 326 11.39 -24.34 -10.82
CA CYS A 326 11.81 -24.51 -12.21
C CYS A 326 12.14 -23.15 -12.80
N VAL A 327 13.36 -23.02 -13.34
CA VAL A 327 13.82 -21.75 -13.88
C VAL A 327 14.11 -21.91 -15.37
N SER A 328 14.47 -20.80 -16.03
CA SER A 328 14.76 -20.78 -17.45
C SER A 328 16.27 -20.63 -17.67
N PRO A 329 16.81 -21.25 -18.73
CA PRO A 329 18.27 -21.22 -18.90
C PRO A 329 18.82 -19.85 -19.22
N SER A 330 18.06 -19.02 -19.93
CA SER A 330 18.57 -17.74 -20.39
C SER A 330 18.85 -16.81 -19.22
N SER A 331 19.65 -15.78 -19.49
CA SER A 331 19.92 -14.74 -18.52
C SER A 331 18.93 -13.59 -18.61
N SER A 332 17.84 -13.76 -19.34
CA SER A 332 16.79 -12.75 -19.39
C SER A 332 16.24 -12.48 -18.00
N ASP A 333 15.64 -13.52 -17.39
CA ASP A 333 15.19 -13.45 -16.01
C ASP A 333 16.27 -13.95 -15.04
N PHE A 334 17.53 -13.80 -15.43
CA PHE A 334 18.66 -14.09 -14.55
C PHE A 334 18.42 -13.57 -13.15
N ASP A 335 17.96 -12.31 -13.05
CA ASP A 335 17.60 -11.75 -11.75
C ASP A 335 16.51 -12.56 -11.07
N GLU A 336 15.52 -13.03 -11.84
CA GLU A 336 14.46 -13.83 -11.24
C GLU A 336 14.98 -15.20 -10.80
N THR A 337 15.93 -15.76 -11.54
CA THR A 337 16.62 -16.94 -11.06
C THR A 337 17.30 -16.67 -9.73
N LEU A 338 17.97 -15.52 -9.61
CA LEU A 338 18.57 -15.15 -8.33
C LEU A 338 17.53 -15.11 -7.23
N ASN A 339 16.40 -14.47 -7.49
CA ASN A 339 15.36 -14.36 -6.48
C ASN A 339 14.88 -15.74 -6.03
N THR A 340 14.54 -16.60 -6.99
CA THR A 340 14.07 -17.93 -6.66
C THR A 340 15.12 -18.70 -5.88
N LEU A 341 16.38 -18.59 -6.30
CA LEU A 341 17.45 -19.32 -5.62
C LEU A 341 17.61 -18.83 -4.19
N ASN A 342 17.56 -17.52 -3.99
CA ASN A 342 17.67 -16.98 -2.63
C ASN A 342 16.53 -17.46 -1.76
N TYR A 343 15.31 -17.42 -2.28
CA TYR A 343 14.16 -17.86 -1.51
C TYR A 343 14.28 -19.33 -1.14
N ALA A 344 14.67 -20.17 -2.09
CA ALA A 344 14.81 -21.58 -1.82
C ALA A 344 16.02 -21.91 -0.97
N SER A 345 16.99 -21.00 -0.89
CA SER A 345 18.18 -21.26 -0.07
C SER A 345 17.83 -21.35 1.41
N ARG A 346 17.21 -20.29 1.93
CA ARG A 346 16.87 -20.25 3.35
C ARG A 346 15.72 -21.14 3.69
N ALA A 347 15.30 -22.00 2.77
CA ALA A 347 14.13 -22.83 2.98
C ALA A 347 14.32 -23.85 4.08
N GLN A 348 15.46 -23.80 4.76
CA GLN A 348 15.70 -24.66 5.92
C GLN A 348 14.55 -24.53 6.91
N ASN A 349 13.96 -25.67 7.28
CA ASN A 349 12.77 -25.73 8.12
C ASN A 349 11.65 -24.87 7.55
N UNK B 1 -17.46 -65.42 2.01
CA UNK B 1 -17.66 -66.16 3.24
C UNK B 1 -19.10 -66.06 3.71
N UNK B 2 -19.64 -64.84 3.71
CA UNK B 2 -21.02 -64.62 4.11
C UNK B 2 -21.46 -63.28 3.52
N UNK B 3 -22.37 -63.31 2.54
CA UNK B 3 -22.79 -62.09 1.88
C UNK B 3 -23.57 -61.22 2.85
N UNK B 4 -22.93 -60.16 3.34
CA UNK B 4 -23.50 -59.24 4.31
C UNK B 4 -23.94 -57.94 3.67
N UNK B 5 -24.52 -58.01 2.47
CA UNK B 5 -25.02 -56.82 1.79
C UNK B 5 -26.06 -56.12 2.66
N UNK B 6 -26.33 -54.86 2.32
CA UNK B 6 -27.20 -54.01 3.11
C UNK B 6 -28.57 -54.65 3.28
N UNK B 7 -28.88 -55.08 4.50
CA UNK B 7 -30.10 -55.81 4.85
C UNK B 7 -30.18 -57.15 4.13
N UNK B 8 -29.14 -57.52 3.39
CA UNK B 8 -29.10 -58.77 2.64
C UNK B 8 -28.06 -59.68 3.29
N UNK B 9 -28.51 -60.75 3.92
CA UNK B 9 -27.67 -61.66 4.68
C UNK B 9 -27.55 -63.01 4.00
N UNK B 10 -27.37 -63.01 2.68
CA UNK B 10 -27.22 -64.23 1.90
C UNK B 10 -26.10 -65.09 2.45
N UNK B 11 -26.42 -66.28 2.94
CA UNK B 11 -25.43 -67.14 3.56
C UNK B 11 -24.58 -67.83 2.49
N UNK B 12 -23.30 -68.01 2.82
CA UNK B 12 -22.37 -68.67 1.92
C UNK B 12 -21.37 -69.46 2.76
N UNK B 13 -20.49 -70.19 2.06
CA UNK B 13 -19.50 -71.02 2.75
C UNK B 13 -18.09 -70.93 2.16
N UNK B 14 -17.91 -70.37 0.98
CA UNK B 14 -16.59 -70.29 0.37
C UNK B 14 -16.59 -69.17 -0.66
N UNK B 15 -15.42 -68.94 -1.26
CA UNK B 15 -15.30 -67.89 -2.27
C UNK B 15 -16.22 -68.13 -3.45
N UNK B 16 -16.42 -69.40 -3.84
CA UNK B 16 -17.38 -69.70 -4.89
C UNK B 16 -18.81 -69.51 -4.39
N UNK B 17 -19.10 -69.98 -3.17
CA UNK B 17 -20.42 -69.75 -2.59
C UNK B 17 -20.65 -68.26 -2.35
N UNK B 18 -19.61 -67.52 -1.97
CA UNK B 18 -19.73 -66.08 -1.83
C UNK B 18 -20.00 -65.42 -3.17
N UNK B 19 -19.32 -65.88 -4.23
CA UNK B 19 -19.57 -65.35 -5.55
C UNK B 19 -21.00 -65.62 -5.99
N UNK B 20 -21.51 -66.81 -5.69
CA UNK B 20 -22.89 -67.14 -6.02
C UNK B 20 -23.86 -66.24 -5.26
N UNK B 21 -23.62 -66.05 -3.96
CA UNK B 21 -24.51 -65.21 -3.16
C UNK B 21 -24.46 -63.76 -3.62
N UNK B 22 -23.29 -63.28 -4.06
CA UNK B 22 -23.19 -61.93 -4.57
C UNK B 22 -23.90 -61.78 -5.90
N UNK B 23 -23.66 -62.70 -6.83
CA UNK B 23 -24.33 -62.66 -8.13
C UNK B 23 -25.84 -62.82 -7.98
N UNK B 24 -26.31 -63.50 -6.94
CA UNK B 24 -27.74 -63.67 -6.75
C UNK B 24 -28.37 -62.46 -6.08
N UNK B 25 -27.85 -62.06 -4.92
CA UNK B 25 -28.45 -60.96 -4.18
C UNK B 25 -28.29 -59.64 -4.92
N UNK B 26 -27.17 -59.45 -5.61
CA UNK B 26 -26.88 -58.18 -6.27
C UNK B 26 -26.99 -58.23 -7.79
N UNK B 27 -26.32 -59.16 -8.45
CA UNK B 27 -26.31 -59.21 -9.91
C UNK B 27 -27.57 -59.83 -10.48
N UNK B 28 -28.13 -60.85 -9.83
CA UNK B 28 -29.41 -61.42 -10.24
C UNK B 28 -30.54 -60.63 -9.57
N UNK B 29 -30.54 -59.34 -9.84
CA UNK B 29 -31.49 -58.42 -9.23
C UNK B 29 -31.77 -57.28 -10.22
N UNK B 30 -32.74 -56.45 -9.87
CA UNK B 30 -33.07 -55.32 -10.73
C UNK B 30 -31.93 -54.31 -10.76
N UNK B 31 -31.73 -53.70 -11.92
CA UNK B 31 -30.65 -52.72 -12.11
C UNK B 31 -31.17 -51.35 -11.70
N UNK B 32 -30.81 -50.91 -10.49
CA UNK B 32 -31.29 -49.63 -9.98
C UNK B 32 -30.13 -48.77 -9.47
N UNK B 33 -29.05 -48.68 -10.25
CA UNK B 33 -27.87 -47.90 -9.88
C UNK B 33 -27.35 -48.33 -8.52
N UNK B 34 -26.88 -49.58 -8.50
CA UNK B 34 -26.50 -50.28 -7.27
C UNK B 34 -25.72 -49.40 -6.31
N UNK B 35 -26.13 -49.42 -5.05
CA UNK B 35 -25.46 -48.70 -3.98
C UNK B 35 -24.62 -49.66 -3.17
N UNK B 36 -23.53 -49.15 -2.60
CA UNK B 36 -22.66 -49.97 -1.76
C UNK B 36 -23.46 -50.60 -0.64
N UNK B 37 -23.46 -51.94 -0.61
CA UNK B 37 -24.29 -52.68 0.31
C UNK B 37 -23.51 -53.36 1.43
N UNK B 38 -22.18 -53.41 1.35
CA UNK B 38 -21.38 -53.99 2.43
C UNK B 38 -21.70 -53.30 3.74
N UNK B 39 -21.70 -54.09 4.82
CA UNK B 39 -22.01 -53.55 6.14
C UNK B 39 -21.11 -52.36 6.48
N UNK B 40 -19.80 -52.54 6.34
CA UNK B 40 -18.85 -51.46 6.57
C UNK B 40 -18.58 -50.73 5.25
N UNK B 41 -19.62 -50.05 4.77
CA UNK B 41 -19.55 -49.31 3.51
C UNK B 41 -19.03 -47.91 3.79
N UNK B 42 -17.82 -47.62 3.32
CA UNK B 42 -17.30 -46.26 3.38
C UNK B 42 -18.01 -45.33 2.41
N UNK B 43 -18.86 -45.87 1.54
CA UNK B 43 -19.65 -45.10 0.58
C UNK B 43 -21.12 -45.42 0.78
N UNK B 44 -21.57 -45.26 2.02
CA UNK B 44 -22.85 -45.75 2.53
C UNK B 44 -24.00 -45.65 1.53
N UNK B 45 -24.13 -44.52 0.84
CA UNK B 45 -25.21 -44.35 -0.10
C UNK B 45 -24.74 -43.74 -1.41
N UNK B 46 -23.51 -44.07 -1.82
CA UNK B 46 -22.97 -43.51 -3.05
C UNK B 46 -23.78 -44.00 -4.25
N UNK B 47 -24.22 -43.05 -5.07
CA UNK B 47 -25.01 -43.38 -6.25
C UNK B 47 -24.13 -43.40 -7.50
N UNK B 48 -22.10 -46.69 -8.57
CA UNK B 48 -21.08 -46.10 -9.44
C UNK B 48 -21.72 -45.47 -10.67
N UNK B 49 -21.06 -45.62 -11.82
CA UNK B 49 -21.59 -45.09 -13.07
C UNK B 49 -22.62 -46.05 -13.67
N UNK B 50 -22.26 -47.33 -13.77
CA UNK B 50 -23.17 -48.37 -14.22
C UNK B 50 -23.40 -49.34 -13.08
N UNK B 51 -24.59 -49.96 -13.06
CA UNK B 51 -24.85 -51.00 -12.08
C UNK B 51 -23.82 -52.12 -12.17
N UNK B 52 -23.32 -52.39 -13.38
CA UNK B 52 -22.23 -53.34 -13.53
C UNK B 52 -20.96 -52.81 -12.89
N UNK B 53 -20.62 -51.55 -13.15
CA UNK B 53 -19.48 -50.94 -12.49
C UNK B 53 -19.68 -50.85 -10.98
N UNK B 54 -20.91 -50.55 -10.55
CA UNK B 54 -21.19 -50.49 -9.11
C UNK B 54 -20.99 -51.84 -8.46
N UNK B 55 -21.42 -52.91 -9.13
CA UNK B 55 -21.20 -54.25 -8.60
C UNK B 55 -19.72 -54.62 -8.61
N UNK B 56 -18.99 -54.23 -9.65
CA UNK B 56 -17.55 -54.44 -9.65
C UNK B 56 -16.90 -53.74 -8.47
N UNK B 57 -17.38 -52.55 -8.14
CA UNK B 57 -16.85 -51.81 -6.99
C UNK B 57 -17.20 -52.51 -5.70
N UNK B 58 -18.45 -52.96 -5.55
CA UNK B 58 -18.87 -53.63 -4.32
C UNK B 58 -18.14 -54.95 -4.13
N UNK B 59 -17.75 -55.61 -5.23
CA UNK B 59 -16.95 -56.81 -5.11
C UNK B 59 -15.63 -56.53 -4.41
N UNK B 60 -15.04 -55.37 -4.66
CA UNK B 60 -13.85 -54.97 -3.94
C UNK B 60 -14.19 -54.53 -2.52
N UNK B 61 -15.30 -53.81 -2.36
CA UNK B 61 -15.71 -53.34 -1.04
C UNK B 61 -15.97 -54.50 -0.09
N UNK B 62 -16.56 -55.58 -0.58
CA UNK B 62 -16.78 -56.77 0.23
C UNK B 62 -15.56 -57.66 0.31
N UNK B 63 -14.40 -57.18 -0.14
CA UNK B 63 -13.14 -57.94 -0.11
C UNK B 63 -13.25 -59.25 -0.88
N UNK B 64 -13.77 -59.19 -2.10
CA UNK B 64 -13.93 -60.39 -2.92
C UNK B 64 -13.45 -60.22 -4.36
N UNK B 65 -13.28 -59.00 -4.84
CA UNK B 65 -12.87 -58.79 -6.23
C UNK B 65 -11.45 -59.30 -6.46
N UNK B 66 -5.83 -58.51 -6.67
CA UNK B 66 -7.20 -58.44 -6.20
C UNK B 66 -8.04 -57.53 -7.10
N UNK B 67 -7.49 -57.20 -8.26
CA UNK B 67 -8.18 -56.38 -9.24
C UNK B 67 -7.47 -56.53 -10.59
N UNK B 68 -8.21 -56.35 -11.67
CA UNK B 68 -7.63 -56.51 -13.00
C UNK B 68 -6.72 -55.34 -13.35
N UNK B 69 -7.28 -54.12 -13.41
CA UNK B 69 -6.48 -52.97 -13.79
C UNK B 69 -5.42 -52.65 -12.76
N UNK B 70 -5.72 -52.84 -11.47
CA UNK B 70 -4.76 -52.54 -10.42
C UNK B 70 -3.55 -53.46 -10.51
N UNK B 71 -3.78 -54.78 -10.54
CA UNK B 71 -2.67 -55.71 -10.68
C UNK B 71 -1.94 -55.52 -11.99
N UNK B 72 -2.66 -55.13 -13.05
CA UNK B 72 -2.01 -54.87 -14.33
C UNK B 72 -1.03 -53.70 -14.21
N UNK B 73 -1.46 -52.60 -13.60
CA UNK B 73 -0.55 -51.48 -13.39
C UNK B 73 0.60 -51.88 -12.48
N UNK B 74 0.32 -52.72 -11.48
CA UNK B 74 1.37 -53.15 -10.55
C UNK B 74 2.45 -53.93 -11.29
N UNK B 75 2.04 -54.86 -12.16
CA UNK B 75 3.01 -55.64 -12.92
C UNK B 75 3.72 -54.77 -13.95
N UNK B 76 3.02 -53.80 -14.54
CA UNK B 76 3.65 -52.90 -15.50
C UNK B 76 4.72 -52.06 -14.83
N UNK B 77 4.50 -51.66 -13.57
CA UNK B 77 5.49 -50.87 -12.85
C UNK B 77 6.62 -51.73 -12.31
N UNK B 78 6.33 -52.96 -11.88
CA UNK B 78 7.37 -53.82 -11.34
C UNK B 78 8.42 -54.16 -12.39
N UNK B 79 8.03 -54.16 -13.66
CA UNK B 79 8.96 -54.43 -14.75
C UNK B 79 8.64 -53.55 -15.96
N ARG C 2 16.29 32.01 -28.58
CA ARG C 2 16.91 31.75 -27.30
C ARG C 2 15.89 31.83 -26.17
N GLU C 3 15.20 30.72 -25.93
CA GLU C 3 14.13 30.68 -24.95
C GLU C 3 14.23 29.46 -24.05
N CYS C 4 13.51 29.52 -22.94
CA CYS C 4 13.55 28.49 -21.92
C CYS C 4 12.13 28.00 -21.65
N ILE C 5 12.05 26.84 -21.00
CA ILE C 5 10.77 26.21 -20.69
C ILE C 5 10.66 26.05 -19.18
N SER C 6 9.47 26.25 -18.64
CA SER C 6 9.22 26.12 -17.21
C SER C 6 8.26 24.97 -16.96
N ILE C 7 8.65 24.07 -16.07
CA ILE C 7 7.81 22.94 -15.66
C ILE C 7 7.70 22.96 -14.15
N HIS C 8 6.49 22.70 -13.64
CA HIS C 8 6.24 22.65 -12.22
C HIS C 8 5.37 21.43 -11.92
N VAL C 9 5.95 20.47 -11.22
CA VAL C 9 5.26 19.23 -10.86
C VAL C 9 5.32 19.10 -9.35
N GLY C 10 4.24 18.59 -8.77
CA GLY C 10 4.17 18.48 -7.32
C GLY C 10 3.80 19.81 -6.69
N GLN C 11 3.27 19.72 -5.47
CA GLN C 11 2.73 20.91 -4.83
C GLN C 11 3.81 21.94 -4.54
N ALA C 12 4.93 21.51 -3.95
CA ALA C 12 6.04 22.42 -3.76
C ALA C 12 6.45 23.05 -5.09
N GLY C 13 6.45 22.26 -6.16
CA GLY C 13 6.81 22.78 -7.45
C GLY C 13 5.87 23.89 -7.90
N VAL C 14 4.58 23.71 -7.72
CA VAL C 14 3.64 24.71 -8.22
C VAL C 14 3.67 25.95 -7.35
N GLN C 15 3.95 25.79 -6.05
CA GLN C 15 4.14 26.96 -5.22
C GLN C 15 5.35 27.74 -5.69
N ILE C 16 6.45 27.04 -5.95
CA ILE C 16 7.64 27.67 -6.51
C ILE C 16 7.29 28.41 -7.79
N GLY C 17 6.44 27.79 -8.61
CA GLY C 17 6.03 28.42 -9.85
C GLY C 17 5.32 29.74 -9.62
N ASN C 18 4.32 29.73 -8.76
CA ASN C 18 3.66 30.97 -8.37
C ASN C 18 4.69 32.01 -7.99
N ALA C 19 5.62 31.65 -7.10
CA ALA C 19 6.58 32.62 -6.61
C ALA C 19 7.42 33.20 -7.72
N CYS C 20 8.04 32.34 -8.54
CA CYS C 20 8.98 32.83 -9.54
C CYS C 20 8.25 33.65 -10.59
N TRP C 21 7.01 33.28 -10.91
CA TRP C 21 6.29 34.04 -11.92
C TRP C 21 5.84 35.39 -11.40
N GLU C 22 5.40 35.46 -10.15
CA GLU C 22 5.20 36.77 -9.54
C GLU C 22 6.45 37.62 -9.66
N LEU C 23 7.59 37.04 -9.29
CA LEU C 23 8.84 37.78 -9.35
C LEU C 23 9.12 38.28 -10.76
N TYR C 24 8.90 37.43 -11.76
CA TYR C 24 9.18 37.83 -13.13
C TYR C 24 8.29 38.98 -13.58
N CYS C 25 6.97 38.80 -13.46
CA CYS C 25 6.06 39.85 -13.87
C CYS C 25 6.37 41.16 -13.17
N LEU C 26 6.80 41.09 -11.90
CA LEU C 26 7.19 42.32 -11.23
C LEU C 26 8.53 42.82 -11.72
N GLU C 27 9.38 41.93 -12.22
CA GLU C 27 10.64 42.34 -12.81
C GLU C 27 10.41 43.18 -14.05
N HIS C 28 9.34 42.88 -14.80
CA HIS C 28 9.13 43.58 -16.06
C HIS C 28 7.74 44.17 -16.23
N GLY C 29 7.18 44.75 -15.19
CA GLY C 29 5.98 45.54 -15.30
C GLY C 29 4.81 44.86 -15.95
N ILE C 30 4.80 43.53 -15.98
CA ILE C 30 3.68 42.80 -16.53
C ILE C 30 2.58 42.75 -15.48
N GLN C 31 1.52 43.50 -15.69
CA GLN C 31 0.45 43.49 -14.71
C GLN C 31 -0.23 42.14 -14.68
N PRO C 32 -0.65 41.69 -13.50
CA PRO C 32 -1.23 40.35 -13.37
C PRO C 32 -2.36 40.04 -14.34
N ASP C 33 -2.97 41.07 -14.93
CA ASP C 33 -3.98 40.85 -15.95
C ASP C 33 -3.42 40.22 -17.21
N GLY C 34 -2.10 40.13 -17.35
CA GLY C 34 -1.47 39.69 -18.56
C GLY C 34 -0.90 40.80 -19.42
N GLN C 35 -1.24 42.05 -19.10
CA GLN C 35 -0.78 43.18 -19.90
C GLN C 35 0.58 43.65 -19.38
N MET C 36 1.36 44.23 -20.28
CA MET C 36 2.67 44.78 -19.93
C MET C 36 2.83 46.12 -20.64
N PRO C 37 2.40 47.22 -20.02
CA PRO C 37 2.49 48.53 -20.69
C PRO C 37 3.93 49.01 -20.83
N SER C 38 4.69 48.32 -21.65
CA SER C 38 6.07 48.69 -21.92
C SER C 38 6.54 48.13 -23.26
N PHE C 49 13.22 41.43 -23.42
CA PHE C 49 12.97 40.42 -22.41
C PHE C 49 11.81 39.52 -22.80
N ASN C 50 11.98 38.75 -23.86
CA ASN C 50 10.92 37.86 -24.30
C ASN C 50 11.33 36.41 -24.32
N THR C 51 12.37 36.04 -23.57
CA THR C 51 12.76 34.65 -23.51
C THR C 51 11.90 33.84 -22.55
N PHE C 52 11.15 34.50 -21.68
CA PHE C 52 10.24 33.81 -20.78
C PHE C 52 8.80 33.91 -21.22
N PHE C 53 8.47 34.83 -22.11
CA PHE C 53 7.10 35.05 -22.52
C PHE C 53 7.01 35.12 -24.04
N SER C 54 6.02 34.42 -24.58
CA SER C 54 5.65 34.60 -25.97
C SER C 54 4.60 35.69 -26.05
N GLU C 55 4.69 36.50 -27.10
CA GLU C 55 3.89 37.70 -27.19
C GLU C 55 2.86 37.56 -28.30
N THR C 56 1.64 37.99 -28.01
CA THR C 56 0.58 38.03 -29.01
C THR C 56 0.43 39.45 -29.55
N GLY C 57 -0.22 39.55 -30.71
CA GLY C 57 -0.46 40.84 -31.31
C GLY C 57 -1.34 41.75 -30.49
N ALA C 58 -2.05 41.21 -29.49
CA ALA C 58 -2.93 42.01 -28.66
C ALA C 58 -2.19 42.79 -27.58
N GLY C 59 -0.86 42.67 -27.51
CA GLY C 59 -0.13 43.29 -26.43
C GLY C 59 -0.07 42.46 -25.18
N LYS C 60 -0.64 41.26 -25.19
CA LYS C 60 -0.58 40.34 -24.07
C LYS C 60 0.59 39.40 -24.24
N HIS C 61 1.01 38.79 -23.13
CA HIS C 61 2.13 37.86 -23.13
C HIS C 61 1.78 36.65 -22.29
N VAL C 62 2.28 35.49 -22.71
CA VAL C 62 2.05 34.22 -22.05
C VAL C 62 3.37 33.69 -21.55
N PRO C 63 3.46 33.21 -20.33
CA PRO C 63 4.70 32.58 -19.86
C PRO C 63 4.85 31.18 -20.40
N ARG C 64 6.03 30.89 -20.94
CA ARG C 64 6.33 29.58 -21.49
C ARG C 64 6.47 28.61 -20.32
N ALA C 65 5.33 28.22 -19.77
CA ALA C 65 5.33 27.40 -18.56
C ALA C 65 4.19 26.41 -18.62
N VAL C 66 4.27 25.40 -17.75
CA VAL C 66 3.25 24.39 -17.59
C VAL C 66 3.15 24.05 -16.12
N PHE C 67 1.93 23.80 -15.64
CA PHE C 67 1.70 23.36 -14.28
C PHE C 67 0.99 22.02 -14.34
N VAL C 68 1.49 21.06 -13.57
CA VAL C 68 0.99 19.70 -13.61
C VAL C 68 1.01 19.11 -12.21
N ASP C 69 -0.12 18.57 -11.78
CA ASP C 69 -0.19 17.78 -10.57
C ASP C 69 -1.44 16.92 -10.64
N LEU C 70 -1.39 15.76 -10.00
CA LEU C 70 -2.50 14.81 -10.13
C LEU C 70 -3.69 15.17 -9.26
N GLU C 71 -3.54 16.14 -8.36
CA GLU C 71 -4.66 16.56 -7.54
C GLU C 71 -5.08 17.97 -7.90
N PRO C 72 -6.32 18.19 -8.31
CA PRO C 72 -6.66 19.47 -8.95
C PRO C 72 -6.55 20.68 -8.04
N THR C 73 -6.73 20.49 -6.73
CA THR C 73 -6.96 21.60 -5.81
C THR C 73 -6.00 22.77 -5.99
N VAL C 74 -4.70 22.51 -5.98
CA VAL C 74 -3.74 23.61 -6.03
C VAL C 74 -3.78 24.29 -7.39
N ILE C 75 -3.89 23.49 -8.45
CA ILE C 75 -3.93 24.06 -9.79
C ILE C 75 -5.13 24.98 -9.94
N ASP C 76 -6.32 24.49 -9.60
CA ASP C 76 -7.51 25.33 -9.76
C ASP C 76 -7.45 26.53 -8.83
N GLU C 77 -6.81 26.37 -7.67
CA GLU C 77 -6.55 27.53 -6.83
C GLU C 77 -5.78 28.58 -7.59
N VAL C 78 -4.74 28.15 -8.32
CA VAL C 78 -4.03 29.09 -9.19
C VAL C 78 -4.97 29.66 -10.24
N ARG C 79 -5.87 28.83 -10.74
CA ARG C 79 -6.82 29.29 -11.75
C ARG C 79 -7.81 30.29 -11.18
N THR C 80 -7.90 30.38 -9.86
CA THR C 80 -8.81 31.31 -9.21
C THR C 80 -8.09 32.43 -8.48
N GLY C 81 -6.77 32.38 -8.40
CA GLY C 81 -6.00 33.46 -7.80
C GLY C 81 -6.04 34.72 -8.63
N THR C 82 -5.07 35.59 -8.38
CA THR C 82 -4.97 36.83 -9.14
C THR C 82 -4.52 36.56 -10.57
N TYR C 83 -3.55 35.68 -10.74
CA TYR C 83 -2.86 35.53 -12.01
C TYR C 83 -3.54 34.58 -12.98
N ARG C 84 -4.85 34.35 -12.84
CA ARG C 84 -5.53 33.45 -13.75
C ARG C 84 -5.46 33.92 -15.18
N GLN C 85 -5.46 35.23 -15.42
CA GLN C 85 -5.44 35.73 -16.78
C GLN C 85 -4.04 35.72 -17.39
N LEU C 86 -3.00 35.46 -16.61
CA LEU C 86 -1.66 35.35 -17.16
C LEU C 86 -1.43 34.05 -17.90
N PHE C 87 -2.18 33.01 -17.57
CA PHE C 87 -1.89 31.70 -18.11
C PHE C 87 -2.93 31.28 -19.15
N HIS C 88 -2.54 30.34 -19.99
CA HIS C 88 -3.45 29.78 -20.96
C HIS C 88 -4.04 28.46 -20.46
N PRO C 89 -5.35 28.28 -20.56
CA PRO C 89 -5.96 27.06 -20.02
C PRO C 89 -5.41 25.78 -20.61
N GLU C 90 -4.76 25.84 -21.76
CA GLU C 90 -4.10 24.66 -22.30
C GLU C 90 -2.97 24.16 -21.42
N GLN C 91 -2.51 24.98 -20.47
CA GLN C 91 -1.30 24.68 -19.73
C GLN C 91 -1.55 24.03 -18.38
N LEU C 92 -2.62 24.39 -17.69
CA LEU C 92 -2.84 23.97 -16.31
C LEU C 92 -3.47 22.57 -16.35
N ILE C 93 -2.67 21.58 -16.69
CA ILE C 93 -3.14 20.22 -16.86
C ILE C 93 -3.15 19.53 -15.50
N THR C 94 -4.26 18.89 -15.18
CA THR C 94 -4.43 18.24 -13.89
C THR C 94 -5.11 16.88 -14.07
N GLY C 95 -4.80 15.97 -13.17
CA GLY C 95 -5.45 14.67 -13.08
C GLY C 95 -6.67 14.74 -12.19
N LYS C 96 -7.07 13.57 -11.68
CA LYS C 96 -8.20 13.53 -10.75
C LYS C 96 -7.97 12.60 -9.57
N GLU C 97 -6.72 12.20 -9.31
CA GLU C 97 -6.40 11.40 -8.13
C GLU C 97 -4.90 11.41 -7.95
N ASP C 98 -4.46 11.85 -6.76
CA ASP C 98 -3.04 12.09 -6.58
C ASP C 98 -2.29 10.79 -6.32
N ALA C 99 -0.97 10.90 -6.23
CA ALA C 99 -0.09 9.75 -6.07
C ALA C 99 -0.05 9.23 -4.65
N ALA C 100 -0.49 10.03 -3.68
CA ALA C 100 -0.54 9.62 -2.29
C ALA C 100 0.80 9.09 -1.81
N ASN C 101 1.85 9.87 -2.03
CA ASN C 101 3.20 9.54 -1.57
C ASN C 101 3.57 8.11 -1.94
N ASN C 102 3.50 7.81 -3.23
CA ASN C 102 3.83 6.47 -3.71
C ASN C 102 4.49 6.60 -5.07
N TYR C 103 5.77 6.20 -5.13
CA TYR C 103 6.49 6.32 -6.39
C TYR C 103 5.82 5.53 -7.50
N ALA C 104 5.32 4.33 -7.18
CA ALA C 104 4.72 3.51 -8.22
C ALA C 104 3.50 4.18 -8.82
N ARG C 105 2.71 4.87 -8.00
CA ARG C 105 1.53 5.52 -8.52
C ARG C 105 1.88 6.70 -9.41
N GLY C 106 2.70 7.64 -8.93
CA GLY C 106 3.03 8.79 -9.73
C GLY C 106 3.83 8.44 -10.97
N HIS C 107 4.86 7.62 -10.80
CA HIS C 107 5.68 7.22 -11.93
C HIS C 107 4.94 6.27 -12.85
N TYR C 108 4.27 5.27 -12.29
CA TYR C 108 3.87 4.16 -13.12
C TYR C 108 2.36 3.95 -13.21
N THR C 109 1.69 3.91 -12.06
CA THR C 109 0.30 3.45 -12.05
C THR C 109 -0.64 4.47 -12.67
N ILE C 110 -0.50 5.74 -12.32
CA ILE C 110 -1.48 6.76 -12.68
C ILE C 110 -0.93 7.77 -13.66
N GLY C 111 0.22 8.36 -13.33
CA GLY C 111 0.75 9.45 -14.15
C GLY C 111 0.86 9.10 -15.62
N LYS C 112 1.05 7.82 -15.94
CA LYS C 112 1.12 7.42 -17.34
C LYS C 112 -0.20 7.64 -18.06
N GLU C 113 -1.20 8.20 -17.38
CA GLU C 113 -2.45 8.58 -18.02
C GLU C 113 -2.60 10.09 -18.19
N ILE C 114 -1.60 10.87 -17.76
CA ILE C 114 -1.59 12.30 -17.98
C ILE C 114 -0.35 12.72 -18.77
N ILE C 115 0.70 11.91 -18.73
CA ILE C 115 1.99 12.22 -19.33
C ILE C 115 1.84 12.65 -20.78
N ASP C 116 0.88 12.06 -21.48
CA ASP C 116 0.76 12.33 -22.91
C ASP C 116 0.41 13.78 -23.18
N LEU C 117 -0.64 14.31 -22.55
CA LEU C 117 -1.08 15.67 -22.84
C LEU C 117 0.00 16.67 -22.51
N VAL C 118 0.63 16.51 -21.35
CA VAL C 118 1.66 17.46 -20.94
C VAL C 118 2.87 17.35 -21.87
N LEU C 119 3.17 16.14 -22.33
CA LEU C 119 4.25 15.96 -23.28
C LEU C 119 3.96 16.71 -24.57
N ASP C 120 2.71 16.61 -25.04
CA ASP C 120 2.33 17.34 -26.24
C ASP C 120 2.44 18.84 -26.03
N ARG C 121 2.05 19.33 -24.85
CA ARG C 121 2.18 20.76 -24.61
C ARG C 121 3.63 21.19 -24.58
N ILE C 122 4.52 20.39 -24.00
CA ILE C 122 5.93 20.70 -24.03
C ILE C 122 6.43 20.77 -25.47
N ARG C 123 6.04 19.78 -26.27
CA ARG C 123 6.49 19.75 -27.66
C ARG C 123 5.96 20.96 -28.41
N LYS C 124 4.73 21.35 -28.14
CA LYS C 124 4.17 22.54 -28.78
C LYS C 124 4.95 23.79 -28.40
N LEU C 125 5.24 23.93 -27.10
CA LEU C 125 6.01 25.09 -26.66
C LEU C 125 7.39 25.09 -27.30
N ALA C 126 7.97 23.91 -27.51
CA ALA C 126 9.24 23.82 -28.22
C ALA C 126 9.10 24.34 -29.64
N ASP C 127 8.07 23.87 -30.36
CA ASP C 127 7.88 24.32 -31.73
C ASP C 127 7.60 25.82 -31.80
N GLN C 128 6.94 26.38 -30.79
CA GLN C 128 6.76 27.82 -30.74
C GLN C 128 8.09 28.53 -30.54
N CYS C 129 8.96 27.96 -29.71
CA CYS C 129 10.27 28.56 -29.51
C CYS C 129 11.12 28.40 -30.75
N THR C 130 12.03 29.35 -30.95
CA THR C 130 12.98 29.29 -32.06
C THR C 130 14.25 28.56 -31.70
N GLY C 131 15.00 29.06 -30.73
CA GLY C 131 16.15 28.34 -30.23
C GLY C 131 15.97 27.96 -28.78
N LEU C 132 15.78 26.69 -28.50
CA LEU C 132 15.55 26.25 -27.12
C LEU C 132 16.88 26.09 -26.41
N GLN C 133 17.14 26.95 -25.44
CA GLN C 133 18.40 26.85 -24.71
C GLN C 133 18.33 25.79 -23.63
N GLY C 134 17.17 25.62 -23.01
CA GLY C 134 17.01 24.61 -21.98
C GLY C 134 15.74 24.85 -21.19
N PHE C 135 15.54 24.03 -20.16
CA PHE C 135 14.36 24.19 -19.33
C PHE C 135 14.68 23.87 -17.88
N SER C 136 13.80 24.30 -17.00
CA SER C 136 13.95 24.12 -15.57
C SER C 136 12.84 23.21 -15.04
N VAL C 137 13.12 22.51 -13.96
CA VAL C 137 12.19 21.57 -13.35
C VAL C 137 12.17 21.83 -11.86
N PHE C 138 10.99 21.74 -11.26
CA PHE C 138 10.83 21.93 -9.82
C PHE C 138 9.90 20.86 -9.27
N HIS C 139 10.35 20.16 -8.25
CA HIS C 139 9.57 19.08 -7.65
C HIS C 139 10.23 18.70 -6.35
N SER C 140 9.74 17.64 -5.72
CA SER C 140 10.24 17.19 -4.44
C SER C 140 10.76 15.76 -4.52
N PHE C 141 11.43 15.35 -3.45
CA PHE C 141 11.83 13.96 -3.29
C PHE C 141 10.93 13.24 -2.30
N GLY C 142 10.07 13.96 -1.60
CA GLY C 142 9.21 13.34 -0.60
C GLY C 142 7.78 13.12 -1.03
N GLY C 143 7.15 14.12 -1.63
CA GLY C 143 5.78 14.00 -2.06
C GLY C 143 5.64 13.02 -3.20
N GLY C 144 4.44 12.46 -3.33
CA GLY C 144 4.19 11.45 -4.32
C GLY C 144 4.29 11.98 -5.74
N THR C 145 3.38 12.89 -6.07
CA THR C 145 3.30 13.38 -7.44
C THR C 145 4.63 13.95 -7.91
N GLY C 146 5.23 14.80 -7.09
CA GLY C 146 6.47 15.44 -7.46
C GLY C 146 7.68 14.51 -7.45
N SER C 147 7.47 13.21 -7.27
CA SER C 147 8.58 12.28 -7.24
C SER C 147 8.59 11.35 -8.44
N GLY C 148 7.56 10.53 -8.62
CA GLY C 148 7.61 9.53 -9.67
C GLY C 148 7.30 10.10 -11.03
N PHE C 149 6.16 10.77 -11.15
CA PHE C 149 5.76 11.38 -12.41
C PHE C 149 6.88 12.23 -12.99
N THR C 150 7.64 12.90 -12.13
CA THR C 150 8.78 13.68 -12.59
C THR C 150 9.83 12.79 -13.23
N SER C 151 10.14 11.67 -12.59
CA SER C 151 11.09 10.74 -13.16
C SER C 151 10.62 10.28 -14.52
N LEU C 152 9.33 9.95 -14.64
CA LEU C 152 8.80 9.49 -15.91
C LEU C 152 8.95 10.56 -16.98
N LEU C 153 8.57 11.80 -16.66
CA LEU C 153 8.63 12.87 -17.64
C LEU C 153 10.06 13.13 -18.08
N MET C 154 11.00 13.14 -17.12
CA MET C 154 12.40 13.29 -17.48
C MET C 154 12.85 12.17 -18.39
N GLU C 155 12.44 10.93 -18.09
CA GLU C 155 12.79 9.82 -18.96
C GLU C 155 12.32 10.07 -20.38
N ARG C 156 11.08 10.52 -20.54
CA ARG C 156 10.55 10.73 -21.87
C ARG C 156 11.28 11.85 -22.60
N LEU C 157 11.50 12.96 -21.91
CA LEU C 157 12.12 14.10 -22.58
C LEU C 157 13.57 13.79 -22.96
N SER C 158 14.27 13.02 -22.13
CA SER C 158 15.61 12.59 -22.51
C SER C 158 15.60 11.72 -23.74
N VAL C 159 14.48 11.06 -24.03
CA VAL C 159 14.38 10.28 -25.25
C VAL C 159 14.08 11.19 -26.43
N ASP C 160 13.19 12.16 -26.26
CA ASP C 160 12.78 12.97 -27.39
C ASP C 160 13.72 14.12 -27.70
N TYR C 161 14.29 14.77 -26.70
CA TYR C 161 15.05 15.98 -26.97
C TYR C 161 16.54 15.82 -26.73
N GLY C 162 16.95 15.27 -25.59
CA GLY C 162 18.34 14.90 -25.43
C GLY C 162 19.27 16.06 -25.11
N LYS C 163 19.98 16.53 -26.13
CA LYS C 163 21.05 17.50 -25.94
C LYS C 163 20.58 18.81 -25.32
N LYS C 164 19.26 19.05 -25.26
CA LYS C 164 18.78 20.24 -24.59
C LYS C 164 19.11 20.18 -23.10
N SER C 165 19.30 21.36 -22.52
CA SER C 165 19.72 21.42 -21.13
C SER C 165 18.55 21.08 -20.21
N LYS C 166 18.81 20.23 -19.22
CA LYS C 166 17.80 19.75 -18.28
C LYS C 166 18.20 20.24 -16.89
N LEU C 167 17.54 21.30 -16.44
CA LEU C 167 17.80 21.89 -15.13
C LEU C 167 16.65 21.56 -14.19
N GLU C 168 16.98 21.23 -12.95
CA GLU C 168 15.99 20.79 -11.99
C GLU C 168 16.28 21.39 -10.63
N PHE C 169 15.22 21.58 -9.85
CA PHE C 169 15.33 22.03 -8.46
C PHE C 169 14.47 21.11 -7.61
N SER C 170 15.11 20.16 -6.94
CA SER C 170 14.41 19.22 -6.08
C SER C 170 14.40 19.75 -4.66
N ILE C 171 13.23 19.77 -4.06
CA ILE C 171 13.09 20.11 -2.65
C ILE C 171 13.41 18.87 -1.83
N TYR C 172 14.53 18.92 -1.13
CA TYR C 172 15.04 17.74 -0.45
C TYR C 172 14.35 17.55 0.89
N PRO C 173 13.90 16.35 1.23
CA PRO C 173 13.25 16.14 2.53
C PRO C 173 14.26 16.22 3.65
N ALA C 174 13.99 17.08 4.58
CA ALA C 174 14.90 17.37 5.67
C ALA C 174 15.01 16.19 6.62
N PRO C 175 16.21 15.98 7.19
CA PRO C 175 16.36 14.89 8.16
C PRO C 175 15.43 15.00 9.35
N GLN C 176 15.17 16.22 9.83
CA GLN C 176 14.31 16.36 11.01
C GLN C 176 12.87 16.65 10.61
N VAL C 177 12.63 17.79 9.96
CA VAL C 177 11.30 18.13 9.48
C VAL C 177 10.97 17.20 8.32
N SER C 178 9.84 16.52 8.42
CA SER C 178 9.46 15.49 7.47
C SER C 178 7.94 15.44 7.39
N THR C 179 7.42 15.06 6.24
CA THR C 179 5.97 15.01 6.05
C THR C 179 5.47 13.66 5.59
N ALA C 180 6.35 12.72 5.23
CA ALA C 180 5.92 11.43 4.72
C ALA C 180 6.78 10.32 5.32
N VAL C 181 6.14 9.23 5.70
CA VAL C 181 6.89 8.07 6.17
C VAL C 181 7.80 7.52 5.09
N VAL C 182 7.42 7.65 3.82
CA VAL C 182 8.12 7.02 2.72
C VAL C 182 9.09 7.99 2.05
N GLU C 183 9.36 9.13 2.69
CA GLU C 183 10.34 10.07 2.13
C GLU C 183 11.63 9.38 1.72
N PRO C 184 12.23 8.50 2.53
CA PRO C 184 13.40 7.77 2.03
C PRO C 184 13.14 7.04 0.73
N TYR C 185 12.00 6.36 0.62
CA TYR C 185 11.74 5.54 -0.55
C TYR C 185 11.62 6.39 -1.80
N ASN C 186 10.73 7.39 -1.77
CA ASN C 186 10.59 8.28 -2.92
C ASN C 186 11.92 8.93 -3.26
N SER C 187 12.67 9.38 -2.25
CA SER C 187 13.94 10.04 -2.52
C SER C 187 14.89 9.13 -3.27
N ILE C 188 15.03 7.89 -2.83
CA ILE C 188 15.98 6.98 -3.48
C ILE C 188 15.52 6.65 -4.90
N LEU C 189 14.23 6.33 -5.05
CA LEU C 189 13.73 5.95 -6.36
C LEU C 189 13.85 7.10 -7.35
N THR C 190 13.78 8.34 -6.86
CA THR C 190 13.99 9.48 -7.73
C THR C 190 15.48 9.72 -7.98
N THR C 191 16.30 9.39 -6.98
CA THR C 191 17.74 9.57 -7.11
C THR C 191 18.28 8.76 -8.26
N HIS C 192 17.80 7.53 -8.41
CA HIS C 192 18.22 6.72 -9.55
C HIS C 192 18.01 7.47 -10.86
N THR C 193 16.78 7.91 -11.10
CA THR C 193 16.46 8.52 -12.38
C THR C 193 17.20 9.83 -12.59
N THR C 194 17.35 10.64 -11.53
CA THR C 194 18.03 11.91 -11.74
C THR C 194 19.51 11.70 -11.99
N LEU C 195 20.12 10.67 -11.41
CA LEU C 195 21.44 10.26 -11.88
C LEU C 195 21.38 9.90 -13.36
N GLU C 196 20.31 9.21 -13.77
CA GLU C 196 20.26 8.70 -15.13
C GLU C 196 20.20 9.80 -16.18
N HIS C 197 19.36 10.82 -15.98
CA HIS C 197 19.05 11.71 -17.09
C HIS C 197 19.16 13.19 -16.79
N SER C 198 19.31 13.60 -15.55
CA SER C 198 19.41 15.03 -15.27
C SER C 198 20.77 15.57 -15.70
N ASP C 199 20.91 16.88 -15.62
CA ASP C 199 22.17 17.53 -15.94
C ASP C 199 22.84 18.17 -14.75
N CYS C 200 22.13 19.03 -14.02
CA CYS C 200 22.71 19.72 -12.88
C CYS C 200 21.62 19.89 -11.83
N ALA C 201 21.84 19.32 -10.65
CA ALA C 201 20.83 19.29 -9.61
C ALA C 201 21.18 20.26 -8.51
N PHE C 202 20.22 21.10 -8.14
CA PHE C 202 20.35 22.03 -7.02
C PHE C 202 19.31 21.65 -5.98
N MET C 203 19.63 20.69 -5.14
CA MET C 203 18.71 20.25 -4.10
C MET C 203 18.85 21.17 -2.90
N VAL C 204 17.71 21.53 -2.30
CA VAL C 204 17.67 22.48 -1.20
C VAL C 204 16.86 21.88 -0.06
N ASP C 205 17.19 22.26 1.16
CA ASP C 205 16.51 21.77 2.35
C ASP C 205 15.71 22.91 2.97
N ASN C 206 14.61 22.55 3.64
CA ASN C 206 13.81 23.57 4.31
C ASN C 206 14.49 24.11 5.56
N GLU C 207 15.10 23.23 6.35
CA GLU C 207 15.67 23.64 7.63
C GLU C 207 16.67 24.77 7.48
N ALA C 208 17.59 24.65 6.53
CA ALA C 208 18.60 25.68 6.36
C ALA C 208 17.97 27.03 6.07
N ILE C 209 16.99 27.05 5.17
CA ILE C 209 16.27 28.29 4.88
C ILE C 209 15.61 28.83 6.13
N TYR C 210 15.04 27.93 6.94
CA TYR C 210 14.42 28.35 8.19
C TYR C 210 15.42 29.05 9.09
N ASP C 211 16.58 28.44 9.29
CA ASP C 211 17.63 29.05 10.10
C ASP C 211 18.00 30.42 9.55
N ILE C 212 18.21 30.48 8.24
CA ILE C 212 18.62 31.74 7.61
C ILE C 212 17.61 32.83 7.89
N CYS C 213 16.33 32.57 7.61
CA CYS C 213 15.34 33.62 7.75
C CYS C 213 15.14 34.00 9.21
N ARG C 214 15.08 33.01 10.09
CA ARG C 214 14.90 33.31 11.51
C ARG C 214 16.09 34.06 12.10
N ARG C 215 17.26 33.94 11.50
CA ARG C 215 18.43 34.64 12.02
C ARG C 215 18.77 35.89 11.23
N ASN C 216 18.85 35.80 9.91
CA ASN C 216 19.35 36.92 9.11
C ASN C 216 18.24 37.73 8.49
N LEU C 217 17.10 37.13 8.18
CA LEU C 217 15.94 37.88 7.73
C LEU C 217 15.07 38.35 8.89
N ASP C 218 15.24 37.75 10.06
CA ASP C 218 14.52 38.12 11.27
C ASP C 218 13.02 37.90 11.16
N ILE C 219 12.62 36.66 10.91
CA ILE C 219 11.22 36.27 11.02
C ILE C 219 11.13 35.21 12.10
N GLU C 220 10.03 35.23 12.87
CA GLU C 220 9.84 34.22 13.90
C GLU C 220 8.98 33.07 13.39
N ARG C 221 8.07 33.35 12.47
CA ARG C 221 7.11 32.37 11.96
C ARG C 221 7.24 32.31 10.45
N PRO C 222 8.19 31.54 9.93
CA PRO C 222 8.33 31.43 8.48
C PRO C 222 7.22 30.62 7.86
N THR C 223 6.60 31.17 6.83
CA THR C 223 5.61 30.48 6.03
C THR C 223 6.23 30.11 4.68
N TYR C 224 5.67 29.08 4.05
CA TYR C 224 6.14 28.65 2.73
C TYR C 224 6.32 29.82 1.77
N THR C 225 5.49 30.86 1.88
CA THR C 225 5.63 32.02 1.02
C THR C 225 7.04 32.59 1.04
N ASN C 226 7.64 32.72 2.21
CA ASN C 226 8.96 33.32 2.30
C ASN C 226 10.03 32.46 1.66
N LEU C 227 10.06 31.17 2.01
CA LEU C 227 11.04 30.26 1.41
C LEU C 227 10.89 30.22 -0.09
N ASN C 228 9.66 30.22 -0.59
CA ASN C 228 9.46 30.18 -2.02
C ASN C 228 9.89 31.49 -2.66
N ARG C 229 9.65 32.62 -2.02
CA ARG C 229 10.16 33.87 -2.56
C ARG C 229 11.67 33.85 -2.64
N LEU C 230 12.32 33.28 -1.62
CA LEU C 230 13.77 33.13 -1.67
C LEU C 230 14.19 32.30 -2.88
N ILE C 231 13.54 31.15 -3.08
CA ILE C 231 13.94 30.27 -4.17
C ILE C 231 13.71 30.93 -5.52
N GLY C 232 12.62 31.67 -5.64
CA GLY C 232 12.39 32.42 -6.86
C GLY C 232 13.47 33.44 -7.12
N GLN C 233 13.86 34.18 -6.06
CA GLN C 233 14.98 35.08 -6.18
C GLN C 233 16.22 34.34 -6.68
N ILE C 234 16.43 33.14 -6.16
CA ILE C 234 17.60 32.35 -6.54
C ILE C 234 17.59 32.07 -8.04
N VAL C 235 16.50 31.48 -8.52
CA VAL C 235 16.47 31.07 -9.92
C VAL C 235 16.51 32.28 -10.83
N SER C 236 15.92 33.39 -10.39
CA SER C 236 16.03 34.61 -11.19
C SER C 236 17.47 35.05 -11.32
N SER C 237 18.17 35.22 -10.20
CA SER C 237 19.58 35.56 -10.26
C SER C 237 20.37 34.55 -11.07
N ILE C 238 19.89 33.31 -11.16
CA ILE C 238 20.57 32.33 -12.00
C ILE C 238 20.39 32.63 -13.48
N THR C 239 19.15 32.79 -13.94
CA THR C 239 18.87 32.81 -15.37
C THR C 239 18.64 34.20 -15.94
N ALA C 240 17.81 35.03 -15.31
CA ALA C 240 17.57 36.37 -15.84
C ALA C 240 18.87 37.16 -15.93
N SER C 241 19.83 36.83 -15.07
CA SER C 241 21.19 37.36 -15.19
C SER C 241 21.77 37.17 -16.57
N LEU C 242 21.37 36.12 -17.29
CA LEU C 242 21.87 35.89 -18.63
C LEU C 242 20.86 36.27 -19.70
N ARG C 243 19.57 36.12 -19.40
CA ARG C 243 18.55 36.55 -20.34
C ARG C 243 18.50 38.06 -20.45
N PHE C 244 18.58 38.75 -19.33
CA PHE C 244 18.79 40.19 -19.35
C PHE C 244 20.28 40.44 -19.51
N ASP C 245 20.63 41.59 -20.11
CA ASP C 245 22.01 41.89 -20.48
C ASP C 245 22.83 42.22 -19.24
N GLY C 246 24.14 42.00 -19.35
CA GLY C 246 25.06 42.28 -18.26
C GLY C 246 26.46 42.55 -18.78
N ALA C 247 27.44 42.23 -17.95
CA ALA C 247 28.85 42.44 -18.29
C ALA C 247 29.47 41.19 -18.91
N LEU C 248 29.50 40.10 -18.16
CA LEU C 248 30.14 38.86 -18.59
C LEU C 248 29.09 37.76 -18.50
N ASN C 249 28.30 37.62 -19.55
CA ASN C 249 27.29 36.58 -19.58
C ASN C 249 27.96 35.22 -19.67
N VAL C 250 27.54 34.30 -18.81
CA VAL C 250 28.11 32.96 -18.72
C VAL C 250 26.98 31.94 -18.86
N ASP C 251 26.87 31.35 -20.03
CA ASP C 251 25.68 30.58 -20.40
C ASP C 251 25.58 29.27 -19.64
N LEU C 252 24.37 28.71 -19.63
CA LEU C 252 24.12 27.40 -19.06
C LEU C 252 25.02 26.34 -19.66
N THR C 253 25.36 26.47 -20.96
CA THR C 253 26.34 25.55 -21.51
C THR C 253 27.70 25.70 -20.84
N GLU C 254 28.10 26.93 -20.51
CA GLU C 254 29.31 27.08 -19.73
C GLU C 254 29.13 26.55 -18.32
N PHE C 255 27.88 26.53 -17.81
CA PHE C 255 27.62 25.84 -16.56
C PHE C 255 27.91 24.35 -16.68
N GLN C 256 27.41 23.71 -17.74
CA GLN C 256 27.73 22.29 -17.94
C GLN C 256 29.23 22.08 -18.05
N THR C 257 29.91 23.00 -18.73
CA THR C 257 31.37 22.84 -18.86
C THR C 257 32.06 22.95 -17.52
N ASN C 258 31.77 24.00 -16.75
CA ASN C 258 32.49 24.28 -15.53
C ASN C 258 32.10 23.39 -14.37
N LEU C 259 30.81 23.29 -14.06
CA LEU C 259 30.36 22.59 -12.88
C LEU C 259 30.32 21.08 -13.04
N VAL C 260 30.81 20.56 -14.16
CA VAL C 260 30.84 19.11 -14.35
C VAL C 260 32.30 18.69 -14.49
N PRO C 261 32.98 18.42 -13.38
CA PRO C 261 34.33 17.83 -13.51
C PRO C 261 34.29 16.42 -14.06
N TYR C 262 33.17 15.72 -13.88
CA TYR C 262 32.99 14.39 -14.41
C TYR C 262 31.51 14.15 -14.66
N PRO C 263 31.17 13.28 -15.62
CA PRO C 263 29.76 13.05 -15.95
C PRO C 263 28.86 12.72 -14.78
N ARG C 264 29.42 12.38 -13.62
CA ARG C 264 28.58 12.06 -12.47
C ARG C 264 28.61 13.11 -11.38
N ALA C 265 29.68 13.89 -11.25
CA ALA C 265 29.78 14.83 -10.17
C ALA C 265 28.96 16.09 -10.35
N HIS C 266 27.74 15.94 -10.87
CA HIS C 266 26.86 17.05 -11.22
C HIS C 266 25.80 17.30 -10.16
N PHE C 267 26.20 17.69 -8.95
CA PHE C 267 25.24 17.97 -7.88
C PHE C 267 25.69 19.18 -7.07
N PRO C 268 25.65 20.37 -7.65
CA PRO C 268 26.11 21.55 -6.93
C PRO C 268 25.09 21.98 -5.89
N LEU C 269 25.55 22.82 -4.97
CA LEU C 269 24.69 23.46 -3.99
C LEU C 269 24.58 24.93 -4.31
N ALA C 270 23.44 25.50 -3.98
CA ALA C 270 23.13 26.90 -4.27
C ALA C 270 23.08 27.69 -2.97
N THR C 271 23.54 28.93 -3.04
CA THR C 271 23.55 29.84 -1.90
C THR C 271 23.34 31.24 -2.42
N TYR C 272 22.77 32.11 -1.59
CA TYR C 272 22.48 33.45 -2.02
C TYR C 272 22.82 34.42 -0.89
N ALA C 273 23.15 35.66 -1.27
CA ALA C 273 23.44 36.69 -0.29
C ALA C 273 23.20 38.04 -0.96
N PRO C 274 22.82 39.07 -0.18
CA PRO C 274 22.57 39.00 1.26
C PRO C 274 21.13 38.66 1.57
N VAL C 275 20.89 38.18 2.79
CA VAL C 275 19.54 37.98 3.30
C VAL C 275 19.34 38.91 4.49
N ILE C 276 18.80 40.09 4.23
CA ILE C 276 18.81 41.17 5.21
C ILE C 276 17.41 41.74 5.34
N SER C 277 17.06 42.12 6.57
CA SER C 277 15.78 42.76 6.83
C SER C 277 15.84 44.24 6.51
N ALA C 278 14.71 44.92 6.72
CA ALA C 278 14.65 46.35 6.47
C ALA C 278 15.55 47.11 7.43
N GLU C 279 15.36 46.91 8.74
CA GLU C 279 16.19 47.59 9.72
C GLU C 279 17.65 47.15 9.60
N LYS C 280 17.89 45.86 9.41
CA LYS C 280 19.24 45.36 9.26
C LYS C 280 19.94 45.92 8.04
N ALA C 281 19.19 46.43 7.06
CA ALA C 281 19.80 47.01 5.87
C ALA C 281 20.66 48.22 6.19
N TYR C 282 20.13 49.17 6.95
CA TYR C 282 20.96 50.24 7.47
C TYR C 282 21.84 49.68 8.59
N HIS C 283 22.57 50.57 9.24
CA HIS C 283 23.57 50.17 10.24
C HIS C 283 24.64 49.27 9.63
N GLU C 284 24.77 49.31 8.31
CA GLU C 284 25.87 48.69 7.60
C GLU C 284 25.86 49.14 6.16
N GLN C 285 27.02 49.47 5.62
CA GLN C 285 27.20 49.68 4.19
C GLN C 285 27.84 48.43 3.62
N LEU C 286 27.23 47.87 2.57
CA LEU C 286 27.56 46.54 2.09
C LEU C 286 28.49 46.60 0.89
N SER C 287 29.76 46.24 1.12
CA SER C 287 30.70 46.11 0.03
C SER C 287 30.57 44.74 -0.60
N VAL C 288 31.22 44.57 -1.75
CA VAL C 288 31.27 43.26 -2.38
C VAL C 288 32.09 42.30 -1.52
N ALA C 289 33.07 42.83 -0.80
CA ALA C 289 33.95 41.98 0.00
C ALA C 289 33.17 41.28 1.10
N GLU C 290 32.33 42.04 1.83
CA GLU C 290 31.61 41.46 2.95
C GLU C 290 30.65 40.36 2.49
N ILE C 291 29.88 40.64 1.44
CA ILE C 291 28.93 39.65 0.97
C ILE C 291 29.66 38.42 0.45
N THR C 292 30.74 38.62 -0.32
CA THR C 292 31.50 37.48 -0.80
C THR C 292 32.05 36.64 0.34
N ASN C 293 32.55 37.27 1.40
CA ASN C 293 32.95 36.51 2.58
C ASN C 293 31.77 35.73 3.12
N ALA C 294 30.61 36.35 3.18
CA ALA C 294 29.45 35.71 3.79
C ALA C 294 28.99 34.51 3.00
N CYS C 295 29.27 34.48 1.69
CA CYS C 295 28.75 33.41 0.85
C CYS C 295 29.18 32.04 1.33
N PHE C 296 30.31 31.93 2.00
CA PHE C 296 30.86 30.62 2.34
C PHE C 296 30.66 30.24 3.79
N GLU C 297 29.84 30.94 4.52
CA GLU C 297 29.65 30.43 5.87
C GLU C 297 28.54 29.40 5.89
N PRO C 298 28.71 28.30 6.62
CA PRO C 298 27.65 27.27 6.63
C PRO C 298 26.33 27.77 7.14
N ALA C 299 26.33 28.85 7.92
CA ALA C 299 25.08 29.39 8.42
C ALA C 299 24.21 29.96 7.31
N ASN C 300 24.78 30.23 6.13
CA ASN C 300 24.00 30.69 4.99
C ASN C 300 23.89 29.64 3.90
N GLN C 301 24.41 28.44 4.13
CA GLN C 301 24.30 27.38 3.14
C GLN C 301 22.89 26.82 3.13
N MET C 302 22.37 26.54 1.94
CA MET C 302 21.00 26.12 1.76
C MET C 302 20.83 24.61 1.84
N VAL C 303 21.82 23.90 2.36
CA VAL C 303 21.73 22.45 2.57
C VAL C 303 22.26 22.17 3.97
N LYS C 304 21.56 21.29 4.68
CA LYS C 304 21.97 20.91 6.03
C LYS C 304 23.25 20.10 5.86
N CYS C 305 24.36 20.81 5.75
CA CYS C 305 25.65 20.18 5.47
C CYS C 305 26.75 21.17 5.82
N ASP C 306 27.94 20.63 6.04
CA ASP C 306 29.08 21.43 6.47
C ASP C 306 30.07 21.60 5.32
N PRO C 307 30.13 22.76 4.69
CA PRO C 307 31.16 22.98 3.66
C PRO C 307 32.58 22.90 4.22
N ARG C 308 32.81 23.42 5.42
CA ARG C 308 34.14 23.34 6.02
C ARG C 308 34.61 21.91 6.15
N HIS C 309 33.72 21.02 6.60
CA HIS C 309 34.08 19.62 6.73
C HIS C 309 34.48 19.03 5.38
N GLY C 310 33.67 19.26 4.35
CA GLY C 310 33.96 18.78 3.03
C GLY C 310 35.02 19.60 2.33
N LYS C 311 35.37 19.17 1.13
CA LYS C 311 36.33 19.84 0.28
C LYS C 311 35.67 20.33 -0.99
N TYR C 312 36.21 21.41 -1.54
CA TYR C 312 35.60 22.08 -2.68
C TYR C 312 36.22 21.64 -4.00
N MET C 313 35.37 21.54 -5.02
CA MET C 313 35.78 21.14 -6.35
C MET C 313 35.55 22.22 -7.39
N ALA C 314 34.40 22.89 -7.36
CA ALA C 314 34.11 23.91 -8.35
C ALA C 314 33.20 24.98 -7.76
N CYS C 315 33.43 26.23 -8.13
CA CYS C 315 32.67 27.34 -7.59
C CYS C 315 32.40 28.39 -8.65
N CYS C 316 31.17 28.92 -8.64
CA CYS C 316 30.77 29.97 -9.56
C CYS C 316 29.98 31.02 -8.79
N LEU C 317 30.23 32.28 -9.11
CA LEU C 317 29.58 33.40 -8.44
C LEU C 317 29.00 34.33 -9.48
N LEU C 318 27.70 34.60 -9.37
CA LEU C 318 27.03 35.53 -10.26
C LEU C 318 26.54 36.72 -9.44
N TYR C 319 26.74 37.92 -9.97
CA TYR C 319 26.44 39.15 -9.26
C TYR C 319 25.38 39.93 -10.01
N ARG C 320 24.54 40.62 -9.25
CA ARG C 320 23.56 41.54 -9.79
C ARG C 320 23.76 42.90 -9.15
N GLY C 321 23.60 43.95 -9.95
CA GLY C 321 23.72 45.30 -9.41
C GLY C 321 24.98 45.97 -9.89
N ASP C 322 25.56 46.80 -9.01
CA ASP C 322 26.79 47.53 -9.33
C ASP C 322 27.99 46.73 -8.84
N VAL C 323 28.85 46.37 -9.79
CA VAL C 323 30.00 45.53 -9.51
C VAL C 323 31.14 45.94 -10.43
N VAL C 324 32.32 46.09 -9.86
CA VAL C 324 33.54 46.39 -10.61
C VAL C 324 34.44 45.16 -10.56
N PRO C 325 34.90 44.67 -11.71
CA PRO C 325 35.66 43.40 -11.72
C PRO C 325 36.90 43.40 -10.83
N LYS C 326 37.52 44.57 -10.64
CA LYS C 326 38.73 44.63 -9.83
C LYS C 326 38.45 44.21 -8.39
N ASP C 327 37.37 44.72 -7.81
CA ASP C 327 37.00 44.31 -6.46
C ASP C 327 36.64 42.84 -6.42
N VAL C 328 36.07 42.32 -7.50
CA VAL C 328 35.82 40.90 -7.58
C VAL C 328 37.13 40.13 -7.49
N ASN C 329 38.15 40.57 -8.23
CA ASN C 329 39.45 39.92 -8.17
C ASN C 329 40.01 39.98 -6.76
N ALA C 330 39.89 41.14 -6.12
CA ALA C 330 40.37 41.28 -4.74
C ALA C 330 39.70 40.26 -3.83
N ALA C 331 38.37 40.23 -3.84
CA ALA C 331 37.64 39.31 -2.97
C ALA C 331 37.99 37.87 -3.29
N ILE C 332 38.18 37.56 -4.57
CA ILE C 332 38.56 36.20 -4.95
C ILE C 332 39.90 35.83 -4.35
N ALA C 333 40.87 36.74 -4.43
CA ALA C 333 42.17 36.47 -3.82
C ALA C 333 42.03 36.26 -2.33
N THR C 334 41.23 37.09 -1.67
CA THR C 334 41.01 36.93 -0.24
C THR C 334 40.45 35.55 0.07
N ILE C 335 39.43 35.13 -0.67
CA ILE C 335 38.83 33.82 -0.41
C ILE C 335 39.84 32.72 -0.66
N LYS C 336 40.64 32.86 -1.72
CA LYS C 336 41.63 31.84 -2.03
C LYS C 336 42.65 31.69 -0.92
N THR C 337 43.07 32.80 -0.32
CA THR C 337 44.16 32.72 0.64
C THR C 337 43.70 32.48 2.06
N LYS C 338 42.50 32.92 2.43
CA LYS C 338 42.11 32.94 3.83
C LYS C 338 41.61 31.59 4.32
N ARG C 339 40.51 31.12 3.76
CA ARG C 339 39.73 30.04 4.36
C ARG C 339 40.45 28.70 4.22
N THR C 340 40.03 27.75 5.03
CA THR C 340 40.48 26.37 4.92
C THR C 340 39.64 25.61 3.90
N ILE C 341 39.53 26.19 2.71
CA ILE C 341 38.76 25.59 1.62
C ILE C 341 39.67 24.67 0.83
N GLN C 342 39.56 23.38 1.07
CA GLN C 342 40.42 22.40 0.42
C GLN C 342 39.97 22.21 -1.02
N PHE C 343 40.56 22.97 -1.93
CA PHE C 343 40.39 22.74 -3.35
C PHE C 343 41.14 21.48 -3.74
N VAL C 344 40.43 20.53 -4.34
CA VAL C 344 41.05 19.28 -4.74
C VAL C 344 42.14 19.57 -5.76
N ASP C 345 43.31 18.95 -5.56
CA ASP C 345 44.42 19.12 -6.49
C ASP C 345 44.00 18.86 -7.93
N TRP C 346 43.00 18.01 -8.13
CA TRP C 346 42.44 17.85 -9.47
C TRP C 346 41.69 19.09 -9.92
N CYS C 347 41.81 20.20 -9.21
CA CYS C 347 41.40 21.49 -9.75
C CYS C 347 42.43 22.55 -9.40
N PRO C 348 43.09 23.14 -10.39
CA PRO C 348 44.02 24.23 -10.10
C PRO C 348 43.28 25.45 -9.60
N THR C 349 42.28 25.89 -10.38
CA THR C 349 41.45 27.02 -10.00
C THR C 349 40.08 26.81 -10.63
N GLY C 350 39.05 26.78 -9.80
CA GLY C 350 37.71 26.48 -10.27
C GLY C 350 36.73 27.60 -10.02
N PHE C 351 37.18 28.83 -10.21
CA PHE C 351 36.35 30.01 -9.99
C PHE C 351 35.81 30.51 -11.32
N LYS C 352 34.49 30.58 -11.43
CA LYS C 352 33.86 31.32 -12.51
C LYS C 352 33.10 32.50 -11.94
N VAL C 353 33.14 33.62 -12.66
CA VAL C 353 32.54 34.86 -12.20
C VAL C 353 31.67 35.41 -13.33
N GLY C 354 30.46 35.82 -12.98
CA GLY C 354 29.55 36.43 -13.93
C GLY C 354 28.92 37.68 -13.37
N ILE C 355 28.75 38.70 -14.19
CA ILE C 355 28.26 39.99 -13.73
C ILE C 355 27.11 40.42 -14.62
N ASN C 356 25.98 40.74 -14.01
CA ASN C 356 24.87 41.36 -14.72
C ASN C 356 24.60 42.75 -14.15
N TYR C 357 23.98 43.59 -14.96
CA TYR C 357 23.70 44.96 -14.57
C TYR C 357 22.32 45.17 -13.97
N GLU C 358 21.39 44.25 -14.22
CA GLU C 358 20.06 44.39 -13.63
C GLU C 358 20.14 44.24 -12.12
N PRO C 359 19.75 45.23 -11.35
CA PRO C 359 19.76 45.11 -9.90
C PRO C 359 18.65 44.19 -9.45
N PRO C 360 18.84 43.46 -8.37
CA PRO C 360 17.77 42.58 -7.88
C PRO C 360 16.56 43.39 -7.46
N THR C 361 15.38 42.84 -7.72
CA THR C 361 14.13 43.52 -7.42
C THR C 361 13.49 42.93 -6.18
N VAL C 362 12.74 43.77 -5.47
CA VAL C 362 12.05 43.39 -4.24
C VAL C 362 10.61 43.07 -4.58
N VAL C 363 10.08 42.02 -3.96
CA VAL C 363 8.69 41.64 -4.16
C VAL C 363 7.83 42.52 -3.26
N PRO C 364 6.71 43.04 -3.76
CA PRO C 364 5.83 43.84 -2.91
C PRO C 364 5.34 43.02 -1.73
N GLY C 365 5.45 43.61 -0.53
CA GLY C 365 5.11 42.90 0.68
C GLY C 365 6.07 41.78 1.03
N GLY C 366 7.22 41.70 0.37
CA GLY C 366 8.18 40.66 0.64
C GLY C 366 8.89 40.86 1.95
N ASP C 367 9.81 39.94 2.23
CA ASP C 367 10.52 39.92 3.50
C ASP C 367 11.98 40.29 3.38
N LEU C 368 12.42 40.79 2.23
CA LEU C 368 13.81 41.14 2.02
C LEU C 368 13.93 42.61 1.64
N ALA C 369 14.85 43.30 2.30
CA ALA C 369 15.11 44.69 1.96
C ALA C 369 15.81 44.78 0.61
N LYS C 370 15.56 45.88 -0.09
CA LYS C 370 16.19 46.07 -1.39
C LYS C 370 17.68 46.32 -1.22
N VAL C 371 18.49 45.62 -2.00
CA VAL C 371 19.94 45.73 -1.93
C VAL C 371 20.46 46.20 -3.27
N GLN C 372 21.53 46.99 -3.23
CA GLN C 372 22.12 47.52 -4.44
C GLN C 372 23.01 46.52 -5.16
N ARG C 373 23.31 45.38 -4.55
CA ARG C 373 24.16 44.38 -5.18
C ARG C 373 23.99 43.07 -4.45
N ALA C 374 23.95 41.98 -5.21
CA ALA C 374 23.68 40.67 -4.65
C ALA C 374 24.49 39.61 -5.38
N VAL C 375 24.70 38.48 -4.71
CA VAL C 375 25.49 37.38 -5.24
C VAL C 375 24.73 36.07 -5.06
N CYS C 376 24.78 35.22 -6.06
CA CYS C 376 24.39 33.83 -5.94
C CYS C 376 25.60 32.97 -6.23
N MET C 377 25.79 31.94 -5.42
CA MET C 377 26.98 31.10 -5.45
C MET C 377 26.56 29.65 -5.67
N LEU C 378 27.15 29.03 -6.67
CA LEU C 378 26.94 27.61 -6.94
C LEU C 378 28.25 26.89 -6.69
N SER C 379 28.18 25.71 -6.09
CA SER C 379 29.42 25.05 -5.70
C SER C 379 29.26 23.54 -5.71
N ASN C 380 30.09 22.87 -6.49
CA ASN C 380 30.22 21.42 -6.47
C ASN C 380 31.30 21.05 -5.48
N THR C 381 30.90 20.37 -4.41
CA THR C 381 31.80 19.97 -3.34
C THR C 381 31.40 18.59 -2.83
N THR C 382 32.38 17.87 -2.28
CA THR C 382 32.16 16.50 -1.87
C THR C 382 31.28 16.38 -0.64
N ALA C 383 31.20 17.44 0.17
CA ALA C 383 30.51 17.35 1.45
C ALA C 383 29.08 16.84 1.33
N ILE C 384 28.42 17.08 0.19
CA ILE C 384 27.05 16.64 0.00
C ILE C 384 26.90 15.16 0.30
N ALA C 385 27.95 14.37 0.07
CA ALA C 385 27.88 12.93 0.33
C ALA C 385 27.30 12.65 1.70
N GLU C 386 27.66 13.45 2.71
CA GLU C 386 27.10 13.33 4.04
C GLU C 386 25.62 13.02 4.00
N ALA C 387 24.83 13.94 3.41
CA ALA C 387 23.39 13.81 3.43
C ALA C 387 22.95 12.42 3.01
N TRP C 388 23.52 11.92 1.91
CA TRP C 388 23.09 10.63 1.39
C TRP C 388 23.10 9.56 2.46
N ALA C 389 24.21 9.43 3.18
CA ALA C 389 24.32 8.41 4.21
C ALA C 389 23.09 8.41 5.09
N ARG C 390 22.72 9.59 5.60
CA ARG C 390 21.54 9.70 6.46
C ARG C 390 20.37 8.96 5.86
N LEU C 391 19.93 9.39 4.67
CA LEU C 391 18.81 8.75 4.02
C LEU C 391 19.01 7.25 3.96
N ASP C 392 20.16 6.82 3.42
CA ASP C 392 20.41 5.39 3.31
C ASP C 392 20.23 4.72 4.65
N HIS C 393 20.87 5.26 5.69
CA HIS C 393 20.72 4.69 7.02
C HIS C 393 19.26 4.61 7.39
N LYS C 394 18.55 5.74 7.30
CA LYS C 394 17.11 5.72 7.51
C LYS C 394 16.45 4.67 6.64
N PHE C 395 16.71 4.72 5.32
CA PHE C 395 16.20 3.72 4.42
C PHE C 395 16.49 2.32 4.94
N ASP C 396 17.74 2.10 5.36
CA ASP C 396 18.12 0.84 5.96
C ASP C 396 17.06 0.34 6.93
N LEU C 397 16.79 1.13 7.97
CA LEU C 397 15.86 0.69 9.00
C LEU C 397 14.53 0.28 8.40
N MET C 398 14.01 1.09 7.47
CA MET C 398 12.77 0.72 6.81
C MET C 398 12.92 -0.61 6.08
N TYR C 399 13.92 -0.71 5.20
CA TYR C 399 14.15 -1.96 4.50
C TYR C 399 14.60 -3.05 5.46
N ALA C 400 14.92 -2.67 6.71
CA ALA C 400 15.24 -3.67 7.71
C ALA C 400 14.04 -4.54 8.02
N LYS C 401 12.82 -3.99 7.88
CA LYS C 401 11.64 -4.78 8.18
C LYS C 401 10.70 -4.89 6.98
N ARG C 402 10.99 -4.16 5.91
CA ARG C 402 10.12 -4.12 4.74
C ARG C 402 8.73 -3.61 5.12
N ALA C 403 8.70 -2.64 6.02
CA ALA C 403 7.46 -1.94 6.29
C ALA C 403 7.07 -1.11 5.07
N PHE C 404 5.77 -0.98 4.84
CA PHE C 404 5.20 -0.17 3.78
C PHE C 404 5.49 -0.73 2.39
N VAL C 405 6.33 -1.76 2.27
CA VAL C 405 6.70 -2.20 0.93
C VAL C 405 5.48 -2.77 0.23
N HIS C 406 4.53 -3.32 0.99
CA HIS C 406 3.29 -3.82 0.41
C HIS C 406 2.61 -2.77 -0.46
N TRP C 407 2.64 -1.51 -0.06
CA TRP C 407 1.99 -0.48 -0.85
C TRP C 407 2.59 -0.34 -2.24
N TYR C 408 3.86 -0.65 -2.41
CA TYR C 408 4.51 -0.47 -3.70
C TYR C 408 4.44 -1.71 -4.57
N VAL C 409 4.79 -2.88 -4.04
CA VAL C 409 4.50 -4.10 -4.76
C VAL C 409 3.00 -4.19 -5.03
N GLY C 410 2.19 -3.71 -4.08
CA GLY C 410 0.78 -3.59 -4.31
C GLY C 410 0.42 -2.63 -5.44
N GLU C 411 1.38 -1.85 -5.90
CA GLU C 411 1.20 -1.01 -7.07
C GLU C 411 2.10 -1.41 -8.22
N GLY C 412 2.91 -2.44 -8.05
CA GLY C 412 3.69 -2.97 -9.13
C GLY C 412 5.18 -2.68 -9.09
N MET C 413 5.76 -2.50 -7.92
CA MET C 413 7.21 -2.34 -7.82
C MET C 413 7.85 -3.59 -7.27
N GLU C 414 9.16 -3.70 -7.48
CA GLU C 414 9.92 -4.89 -7.14
C GLU C 414 10.95 -4.54 -6.08
N GLU C 415 11.03 -5.35 -5.02
CA GLU C 415 12.02 -5.10 -3.99
C GLU C 415 13.42 -5.12 -4.57
N GLY C 416 13.62 -5.93 -5.61
CA GLY C 416 14.85 -5.85 -6.37
C GLY C 416 15.17 -4.45 -6.81
N GLU C 417 14.14 -3.66 -7.15
CA GLU C 417 14.39 -2.27 -7.51
C GLU C 417 14.90 -1.48 -6.31
N PHE C 418 14.35 -1.74 -5.13
CA PHE C 418 14.90 -1.10 -3.93
C PHE C 418 16.38 -1.45 -3.76
N SER C 419 16.71 -2.73 -3.86
CA SER C 419 18.09 -3.14 -3.67
C SER C 419 19.00 -2.45 -4.68
N GLU C 420 18.67 -2.55 -5.97
CA GLU C 420 19.52 -1.98 -7.00
C GLU C 420 19.63 -0.47 -6.84
N ALA C 421 18.53 0.18 -6.43
CA ALA C 421 18.57 1.62 -6.26
C ALA C 421 19.49 2.00 -5.11
N ARG C 422 19.45 1.24 -4.02
CA ARG C 422 20.38 1.50 -2.93
C ARG C 422 21.82 1.29 -3.38
N GLU C 423 22.06 0.24 -4.16
CA GLU C 423 23.41 0.02 -4.66
C GLU C 423 23.86 1.17 -5.56
N ASP C 424 22.94 1.70 -6.35
CA ASP C 424 23.29 2.79 -7.25
C ASP C 424 23.63 4.05 -6.46
N MET C 425 22.82 4.37 -5.46
CA MET C 425 23.12 5.54 -4.63
C MET C 425 24.44 5.34 -3.90
N ALA C 426 24.70 4.13 -3.44
CA ALA C 426 25.97 3.83 -2.81
C ALA C 426 27.12 4.08 -3.78
N ALA C 427 26.96 3.63 -5.03
CA ALA C 427 27.98 3.90 -6.03
C ALA C 427 28.19 5.39 -6.21
N LEU C 428 27.11 6.16 -6.21
CA LEU C 428 27.23 7.61 -6.41
C LEU C 428 28.02 8.25 -5.28
N GLU C 429 27.62 7.97 -4.04
CA GLU C 429 28.31 8.60 -2.91
C GLU C 429 29.74 8.12 -2.82
N LYS C 430 29.99 6.84 -3.11
CA LYS C 430 31.34 6.32 -3.05
C LYS C 430 32.20 6.94 -4.15
N ASP C 431 31.59 7.26 -5.29
CA ASP C 431 32.33 7.93 -6.35
C ASP C 431 32.67 9.36 -5.96
N TYR C 432 31.73 10.05 -5.30
CA TYR C 432 32.09 11.35 -4.71
C TYR C 432 33.27 11.21 -3.77
N GLU C 433 33.26 10.19 -2.93
CA GLU C 433 34.39 9.96 -2.04
C GLU C 433 35.68 9.75 -2.83
N GLU C 434 35.62 8.92 -3.87
CA GLU C 434 36.82 8.61 -4.64
C GLU C 434 37.39 9.85 -5.31
N VAL C 435 36.57 10.58 -6.05
CA VAL C 435 37.08 11.77 -6.73
C VAL C 435 37.50 12.82 -5.70
N GLY C 436 36.96 12.74 -4.49
CA GLY C 436 37.49 13.56 -3.41
C GLY C 436 38.90 13.20 -3.02
N VAL C 437 39.34 11.98 -3.31
CA VAL C 437 40.67 11.52 -2.91
C VAL C 437 41.71 12.19 -3.80
N ASP C 438 42.59 12.97 -3.19
CA ASP C 438 43.67 13.63 -3.92
C ASP C 438 44.75 12.63 -4.29
N SER C 439 45.50 12.96 -5.32
CA SER C 439 46.62 12.12 -5.77
C SER C 439 47.93 12.73 -5.32
N ARG D 2 -14.16 12.07 -6.49
CA ARG D 2 -14.18 13.26 -5.65
C ARG D 2 -15.41 13.31 -4.78
N GLU D 3 -16.18 12.24 -4.76
CA GLU D 3 -17.38 12.16 -3.93
C GLU D 3 -17.27 10.98 -2.98
N ILE D 4 -17.72 11.19 -1.75
CA ILE D 4 -17.70 10.16 -0.73
C ILE D 4 -19.13 9.93 -0.26
N VAL D 5 -19.48 8.67 -0.07
CA VAL D 5 -20.84 8.27 0.30
C VAL D 5 -20.85 7.88 1.76
N HIS D 6 -21.86 8.34 2.49
CA HIS D 6 -22.00 8.11 3.91
C HIS D 6 -22.95 6.96 4.18
N ILE D 7 -22.71 6.24 5.27
CA ILE D 7 -23.52 5.09 5.64
C ILE D 7 -23.63 5.04 7.16
N GLN D 8 -24.85 4.93 7.66
CA GLN D 8 -25.10 4.87 9.10
C GLN D 8 -26.04 3.71 9.40
N ALA D 9 -25.59 2.80 10.26
CA ALA D 9 -26.39 1.65 10.67
C ALA D 9 -26.45 1.63 12.19
N GLY D 10 -27.59 1.21 12.74
CA GLY D 10 -27.77 1.13 14.17
C GLY D 10 -27.94 2.51 14.78
N GLN D 11 -28.87 2.58 15.73
CA GLN D 11 -29.33 3.86 16.26
C GLN D 11 -28.17 4.76 16.65
N CYS D 12 -27.16 4.19 17.31
CA CYS D 12 -25.99 4.96 17.69
C CYS D 12 -25.42 5.71 16.50
N GLY D 13 -24.88 4.96 15.54
CA GLY D 13 -24.27 5.57 14.39
C GLY D 13 -25.23 6.45 13.62
N ASN D 14 -26.51 6.12 13.65
CA ASN D 14 -27.51 6.90 12.92
C ASN D 14 -27.59 8.32 13.46
N GLN D 15 -27.82 8.46 14.77
CA GLN D 15 -27.88 9.81 15.30
C GLN D 15 -26.51 10.48 15.30
N ILE D 16 -25.44 9.67 15.39
CA ILE D 16 -24.11 10.23 15.25
C ILE D 16 -23.96 10.91 13.91
N GLY D 17 -24.34 10.23 12.84
CA GLY D 17 -24.28 10.83 11.52
C GLY D 17 -25.24 11.98 11.36
N ALA D 18 -26.37 11.94 12.06
CA ALA D 18 -27.23 13.11 12.08
C ALA D 18 -26.45 14.34 12.55
N LYS D 19 -25.81 14.22 13.72
CA LYS D 19 -24.99 15.32 14.20
C LYS D 19 -23.89 15.67 13.22
N PHE D 20 -23.29 14.66 12.60
CA PHE D 20 -22.15 14.89 11.71
C PHE D 20 -22.56 15.68 10.48
N TRP D 21 -23.65 15.28 9.85
CA TRP D 21 -24.18 16.02 8.71
C TRP D 21 -24.59 17.41 9.12
N GLU D 22 -25.15 17.57 10.32
CA GLU D 22 -25.43 18.91 10.82
C GLU D 22 -24.15 19.74 10.86
N VAL D 23 -23.07 19.15 11.36
CA VAL D 23 -21.79 19.85 11.43
C VAL D 23 -21.36 20.30 10.05
N ILE D 24 -21.39 19.38 9.08
CA ILE D 24 -20.90 19.71 7.74
C ILE D 24 -21.77 20.79 7.10
N SER D 25 -23.09 20.69 7.31
CA SER D 25 -24.00 21.69 6.77
C SER D 25 -23.69 23.06 7.31
N ASP D 26 -23.50 23.16 8.63
CA ASP D 26 -23.11 24.44 9.20
C ASP D 26 -21.77 24.89 8.63
N GLU D 27 -20.87 23.95 8.37
CA GLU D 27 -19.61 24.29 7.75
C GLU D 27 -19.82 24.99 6.43
N HIS D 28 -20.42 24.31 5.46
CA HIS D 28 -20.58 24.89 4.14
C HIS D 28 -21.72 25.89 4.05
N GLY D 29 -22.28 26.31 5.19
CA GLY D 29 -23.30 27.34 5.16
C GLY D 29 -24.58 26.95 4.48
N ILE D 30 -25.06 25.73 4.69
CA ILE D 30 -26.29 25.26 4.10
C ILE D 30 -27.40 25.38 5.12
N ASP D 31 -28.53 25.94 4.71
CA ASP D 31 -29.66 26.08 5.60
C ASP D 31 -30.30 24.72 5.84
N PRO D 32 -31.19 24.61 6.82
CA PRO D 32 -31.92 23.35 7.00
C PRO D 32 -32.94 23.08 5.92
N THR D 33 -33.05 23.93 4.91
CA THR D 33 -34.04 23.70 3.85
C THR D 33 -33.42 23.28 2.54
N GLY D 34 -32.12 23.48 2.34
CA GLY D 34 -31.47 23.17 1.09
C GLY D 34 -30.95 24.37 0.34
N SER D 35 -31.25 25.57 0.79
CA SER D 35 -30.72 26.77 0.18
C SER D 35 -29.34 27.09 0.72
N TYR D 36 -28.52 27.70 -0.11
CA TYR D 36 -27.16 28.05 0.31
C TYR D 36 -27.13 29.46 0.86
N HIS D 37 -26.58 29.62 2.06
CA HIS D 37 -26.37 30.91 2.67
C HIS D 37 -24.98 30.92 3.30
N GLY D 38 -23.98 31.32 2.50
CA GLY D 38 -22.61 31.38 2.95
C GLY D 38 -21.96 32.71 2.63
N ASP D 39 -20.70 32.82 3.02
CA ASP D 39 -19.92 34.03 2.83
C ASP D 39 -18.83 33.89 1.79
N SER D 40 -18.25 32.72 1.64
CA SER D 40 -17.15 32.52 0.71
C SER D 40 -17.49 31.41 -0.27
N ASP D 41 -16.97 31.57 -1.49
CA ASP D 41 -17.15 30.56 -2.52
C ASP D 41 -16.49 29.24 -2.12
N LEU D 42 -15.50 29.30 -1.22
CA LEU D 42 -14.80 28.10 -0.80
C LEU D 42 -15.73 27.09 -0.14
N GLN D 43 -16.87 27.54 0.40
CA GLN D 43 -17.87 26.60 0.88
C GLN D 43 -18.48 25.81 -0.26
N LEU D 44 -18.46 26.36 -1.47
CA LEU D 44 -19.13 25.74 -2.60
C LEU D 44 -18.16 24.97 -3.48
N GLU D 45 -16.91 25.42 -3.53
CA GLU D 45 -15.91 24.91 -4.46
C GLU D 45 -15.85 23.38 -4.50
N ARG D 46 -15.98 22.74 -3.35
CA ARG D 46 -15.80 21.30 -3.27
C ARG D 46 -17.04 20.62 -2.71
N ILE D 47 -18.19 21.27 -2.83
CA ILE D 47 -19.43 20.73 -2.27
C ILE D 47 -19.72 19.33 -2.79
N ASN D 48 -19.09 18.93 -3.89
CA ASN D 48 -19.34 17.61 -4.46
C ASN D 48 -18.93 16.48 -3.53
N VAL D 49 -17.93 16.71 -2.67
CA VAL D 49 -17.39 15.62 -1.87
C VAL D 49 -18.47 15.02 -0.97
N TYR D 50 -19.44 15.84 -0.58
CA TYR D 50 -20.46 15.40 0.36
C TYR D 50 -21.89 15.72 -0.08
N TYR D 51 -22.09 16.14 -1.32
CA TYR D 51 -23.44 16.46 -1.78
C TYR D 51 -23.54 16.28 -3.29
N ASN D 52 -24.76 16.01 -3.74
CA ASN D 52 -25.13 16.17 -5.13
C ASN D 52 -26.00 17.42 -5.25
N GLU D 53 -26.13 17.92 -6.47
CA GLU D 53 -26.88 19.15 -6.71
C GLU D 53 -28.23 18.81 -7.33
N ALA D 54 -29.29 19.44 -6.84
CA ALA D 54 -30.60 19.36 -7.45
C ALA D 54 -31.13 20.76 -7.75
N ALA D 55 -31.98 20.82 -8.77
CA ALA D 55 -32.47 22.09 -9.28
C ALA D 55 -33.08 22.94 -8.17
N GLY D 56 -33.18 24.24 -8.41
CA GLY D 56 -33.56 25.17 -7.37
C GLY D 56 -32.46 25.52 -6.42
N ASN D 57 -31.21 25.28 -6.79
CA ASN D 57 -30.05 25.55 -5.95
C ASN D 57 -30.11 24.75 -4.65
N LYS D 58 -30.61 23.52 -4.73
CA LYS D 58 -30.70 22.67 -3.57
C LYS D 58 -29.58 21.63 -3.61
N TYR D 59 -29.24 21.11 -2.43
CA TYR D 59 -28.16 20.16 -2.31
C TYR D 59 -28.60 18.99 -1.45
N VAL D 60 -28.31 17.78 -1.93
CA VAL D 60 -28.69 16.55 -1.27
C VAL D 60 -27.43 15.93 -0.68
N PRO D 61 -27.47 15.49 0.56
CA PRO D 61 -26.34 14.73 1.12
C PRO D 61 -26.30 13.34 0.50
N ARG D 62 -25.09 12.89 0.18
CA ARG D 62 -24.90 11.55 -0.38
C ARG D 62 -25.07 10.54 0.76
N ALA D 63 -26.32 10.44 1.23
CA ALA D 63 -26.57 9.77 2.49
C ALA D 63 -27.45 8.57 2.27
N ILE D 64 -27.19 7.53 3.04
CA ILE D 64 -28.02 6.33 3.10
C ILE D 64 -28.19 5.94 4.55
N LEU D 65 -29.43 5.72 4.95
CA LEU D 65 -29.75 5.39 6.33
C LEU D 65 -30.37 4.00 6.37
N VAL D 66 -29.87 3.15 7.26
CA VAL D 66 -30.33 1.78 7.37
C VAL D 66 -30.54 1.45 8.83
N ASP D 67 -31.55 0.64 9.12
CA ASP D 67 -31.87 0.23 10.47
C ASP D 67 -32.83 -0.96 10.40
N LEU D 68 -33.25 -1.43 11.57
CA LEU D 68 -34.27 -2.45 11.67
C LEU D 68 -35.48 -2.00 12.46
N GLU D 69 -35.59 -0.71 12.75
CA GLU D 69 -36.70 -0.17 13.53
C GLU D 69 -37.11 1.17 12.94
N PRO D 70 -38.39 1.37 12.63
CA PRO D 70 -38.79 2.62 11.96
C PRO D 70 -38.64 3.85 12.84
N GLY D 71 -38.90 3.72 14.14
CA GLY D 71 -38.98 4.88 15.00
C GLY D 71 -37.68 5.69 15.04
N THR D 72 -36.54 5.02 14.95
CA THR D 72 -35.27 5.74 14.96
C THR D 72 -35.17 6.64 13.73
N MET D 73 -35.53 6.11 12.57
CA MET D 73 -35.51 6.91 11.35
C MET D 73 -36.53 8.03 11.43
N ASP D 74 -37.71 7.76 11.99
CA ASP D 74 -38.68 8.82 12.17
C ASP D 74 -38.12 9.92 13.07
N SER D 75 -37.43 9.54 14.13
CA SER D 75 -36.84 10.52 15.04
C SER D 75 -35.82 11.39 14.33
N VAL D 76 -34.86 10.76 13.64
CA VAL D 76 -33.82 11.55 12.99
C VAL D 76 -34.41 12.41 11.88
N ARG D 77 -35.49 11.94 11.25
CA ARG D 77 -36.16 12.74 10.25
C ARG D 77 -36.87 13.93 10.87
N SER D 78 -37.38 13.77 12.09
CA SER D 78 -38.06 14.87 12.77
C SER D 78 -37.08 15.89 13.32
N GLY D 79 -35.79 15.54 13.41
CA GLY D 79 -34.80 16.46 13.87
C GLY D 79 -34.43 17.44 12.78
N PRO D 80 -33.70 18.50 13.14
CA PRO D 80 -33.30 19.49 12.14
C PRO D 80 -32.42 18.86 11.07
N PHE D 81 -32.51 19.40 9.86
CA PHE D 81 -31.81 18.96 8.66
C PHE D 81 -32.29 17.60 8.19
N GLY D 82 -33.33 17.03 8.80
CA GLY D 82 -33.90 15.82 8.26
C GLY D 82 -34.48 15.97 6.87
N GLN D 83 -35.20 17.07 6.63
CA GLN D 83 -35.72 17.35 5.30
C GLN D 83 -34.63 17.43 4.26
N ILE D 84 -33.41 17.81 4.65
CA ILE D 84 -32.29 17.79 3.72
C ILE D 84 -32.06 16.40 3.15
N PHE D 85 -32.37 15.35 3.91
CA PHE D 85 -32.29 14.01 3.38
C PHE D 85 -33.42 13.76 2.42
N ARG D 86 -33.17 12.93 1.42
CA ARG D 86 -34.37 12.62 0.66
C ARG D 86 -34.90 11.25 1.08
N PRO D 87 -36.22 11.12 1.16
CA PRO D 87 -36.80 9.89 1.72
C PRO D 87 -36.42 8.65 0.95
N ASP D 88 -35.93 8.82 -0.27
CA ASP D 88 -35.56 7.68 -1.10
C ASP D 88 -34.43 6.86 -0.48
N ASN D 89 -33.87 7.31 0.64
CA ASN D 89 -32.71 6.68 1.22
C ASN D 89 -32.97 6.07 2.57
N PHE D 90 -34.15 6.24 3.13
CA PHE D 90 -34.47 5.76 4.47
C PHE D 90 -34.93 4.31 4.34
N VAL D 91 -33.99 3.39 4.30
CA VAL D 91 -34.28 1.98 4.13
C VAL D 91 -34.23 1.32 5.49
N PHE D 92 -35.28 0.58 5.83
CA PHE D 92 -35.36 -0.03 7.14
C PHE D 92 -36.44 -1.10 7.14
N GLY D 93 -36.33 -2.01 8.09
CA GLY D 93 -37.32 -3.03 8.32
C GLY D 93 -38.34 -2.59 9.36
N GLN D 94 -38.97 -3.58 9.99
CA GLN D 94 -39.98 -3.33 11.00
C GLN D 94 -39.82 -4.35 12.12
N SER D 95 -38.59 -4.81 12.31
CA SER D 95 -38.31 -5.81 13.34
C SER D 95 -36.86 -5.72 13.77
N GLY D 96 -36.62 -5.54 15.06
CA GLY D 96 -35.28 -5.42 15.57
C GLY D 96 -34.52 -6.73 15.50
N ALA D 97 -33.20 -6.61 15.49
CA ALA D 97 -32.34 -7.77 15.50
C ALA D 97 -32.10 -8.32 16.90
N GLY D 98 -32.61 -7.65 17.92
CA GLY D 98 -32.43 -8.11 19.28
C GLY D 98 -30.99 -8.31 19.69
N ASN D 99 -30.09 -7.47 19.21
CA ASN D 99 -28.67 -7.55 19.54
C ASN D 99 -28.10 -8.92 19.22
N ASN D 100 -28.49 -9.49 18.08
CA ASN D 100 -28.02 -10.80 17.68
C ASN D 100 -27.25 -10.68 16.37
N TRP D 101 -25.91 -10.75 16.47
CA TRP D 101 -25.08 -10.70 15.29
C TRP D 101 -25.54 -11.75 14.27
N ALA D 102 -25.77 -12.98 14.74
CA ALA D 102 -26.23 -14.02 13.83
C ALA D 102 -27.55 -13.63 13.17
N LYS D 103 -28.44 -12.99 13.90
CA LYS D 103 -29.70 -12.58 13.31
C LYS D 103 -29.49 -11.46 12.30
N GLY D 104 -28.74 -10.43 12.68
CA GLY D 104 -28.57 -9.26 11.84
C GLY D 104 -27.70 -9.51 10.63
N HIS D 105 -26.54 -10.14 10.86
CA HIS D 105 -25.60 -10.35 9.76
C HIS D 105 -26.04 -11.50 8.87
N TYR D 106 -26.45 -12.61 9.48
CA TYR D 106 -26.53 -13.85 8.72
C TYR D 106 -27.91 -14.06 8.12
N THR D 107 -28.95 -13.96 8.92
CA THR D 107 -30.26 -14.43 8.49
C THR D 107 -31.21 -13.33 8.03
N GLU D 108 -31.52 -12.39 8.92
CA GLU D 108 -32.58 -11.43 8.61
C GLU D 108 -32.07 -10.31 7.72
N GLY D 109 -30.76 -10.03 7.78
CA GLY D 109 -30.24 -8.84 7.13
C GLY D 109 -30.37 -8.83 5.62
N ALA D 110 -30.15 -10.00 4.98
CA ALA D 110 -30.04 -10.05 3.52
C ALA D 110 -31.16 -9.27 2.84
N GLU D 111 -32.35 -9.28 3.44
CA GLU D 111 -33.50 -8.60 2.84
C GLU D 111 -33.22 -7.13 2.61
N LEU D 112 -32.87 -6.42 3.68
CA LEU D 112 -32.53 -5.00 3.51
C LEU D 112 -31.20 -4.84 2.78
N VAL D 113 -30.31 -5.82 2.91
CA VAL D 113 -29.02 -5.74 2.23
C VAL D 113 -29.21 -5.54 0.74
N ASP D 114 -30.10 -6.32 0.14
CA ASP D 114 -30.30 -6.21 -1.31
C ASP D 114 -30.69 -4.80 -1.73
N SER D 115 -31.75 -4.27 -1.13
CA SER D 115 -32.21 -2.92 -1.47
C SER D 115 -31.15 -1.87 -1.19
N VAL D 116 -30.50 -1.91 -0.04
CA VAL D 116 -29.52 -0.88 0.27
C VAL D 116 -28.35 -0.95 -0.69
N LEU D 117 -27.97 -2.16 -1.09
CA LEU D 117 -26.87 -2.28 -2.05
C LEU D 117 -27.28 -1.72 -3.40
N ASP D 118 -28.53 -1.95 -3.80
CA ASP D 118 -29.04 -1.28 -4.99
C ASP D 118 -28.90 0.22 -4.88
N VAL D 119 -29.27 0.79 -3.73
CA VAL D 119 -29.20 2.23 -3.58
C VAL D 119 -27.76 2.70 -3.62
N VAL D 120 -26.85 1.93 -3.03
CA VAL D 120 -25.44 2.29 -3.08
C VAL D 120 -24.96 2.36 -4.52
N ARG D 121 -25.25 1.31 -5.29
CA ARG D 121 -24.87 1.32 -6.70
C ARG D 121 -25.40 2.56 -7.40
N LYS D 122 -26.70 2.79 -7.29
CA LYS D 122 -27.33 3.92 -7.97
C LYS D 122 -26.64 5.23 -7.59
N GLU D 123 -26.52 5.49 -6.29
CA GLU D 123 -25.95 6.76 -5.85
C GLU D 123 -24.51 6.90 -6.28
N SER D 124 -23.72 5.83 -6.17
CA SER D 124 -22.33 5.89 -6.58
C SER D 124 -22.21 6.26 -8.05
N GLU D 125 -22.98 5.61 -8.92
CA GLU D 125 -22.83 5.86 -10.34
C GLU D 125 -23.45 7.19 -10.73
N SER D 126 -24.32 7.74 -9.89
CA SER D 126 -24.75 9.11 -10.12
C SER D 126 -23.58 10.09 -9.99
N CYS D 127 -22.57 9.71 -9.21
CA CYS D 127 -21.42 10.58 -9.01
C CYS D 127 -20.38 10.34 -10.10
N ASP D 128 -19.30 11.12 -10.05
CA ASP D 128 -18.27 11.03 -11.08
C ASP D 128 -17.15 10.08 -10.70
N CYS D 129 -16.44 10.37 -9.62
CA CYS D 129 -15.28 9.55 -9.25
C CYS D 129 -15.35 9.28 -7.75
N LEU D 130 -15.90 8.14 -7.37
CA LEU D 130 -16.06 7.83 -5.97
C LEU D 130 -14.70 7.66 -5.30
N GLN D 131 -14.55 8.31 -4.15
CA GLN D 131 -13.30 8.27 -3.42
C GLN D 131 -13.25 7.11 -2.43
N GLY D 132 -14.29 6.98 -1.62
CA GLY D 132 -14.35 5.89 -0.67
C GLY D 132 -15.65 5.93 0.10
N PHE D 133 -15.68 5.22 1.22
CA PHE D 133 -16.86 5.17 2.05
C PHE D 133 -16.47 5.25 3.51
N GLN D 134 -17.35 5.85 4.30
CA GLN D 134 -17.18 5.99 5.73
C GLN D 134 -18.44 5.50 6.43
N LEU D 135 -18.26 4.69 7.47
CA LEU D 135 -19.37 4.07 8.17
C LEU D 135 -19.37 4.47 9.64
N THR D 136 -20.52 4.33 10.26
CA THR D 136 -20.72 4.71 11.65
C THR D 136 -21.74 3.76 12.28
N HIS D 137 -21.27 2.90 13.18
CA HIS D 137 -22.15 1.88 13.72
C HIS D 137 -21.53 1.31 14.99
N SER D 138 -22.25 0.39 15.62
CA SER D 138 -21.84 -0.20 16.87
C SER D 138 -21.24 -1.58 16.66
N LEU D 139 -20.42 -1.99 17.61
CA LEU D 139 -19.79 -3.31 17.58
C LEU D 139 -20.35 -4.26 18.63
N GLY D 140 -21.20 -3.77 19.52
CA GLY D 140 -21.78 -4.62 20.54
C GLY D 140 -23.25 -4.87 20.28
N GLY D 141 -23.88 -3.98 19.53
CA GLY D 141 -25.28 -4.13 19.18
C GLY D 141 -25.47 -5.08 18.01
N GLY D 142 -26.74 -5.36 17.72
CA GLY D 142 -27.03 -6.31 16.66
C GLY D 142 -26.92 -5.70 15.27
N THR D 143 -27.75 -4.72 14.97
CA THR D 143 -27.86 -4.18 13.62
C THR D 143 -26.57 -3.58 13.10
N GLY D 144 -26.10 -2.51 13.72
CA GLY D 144 -24.94 -1.80 13.19
C GLY D 144 -23.71 -2.68 13.08
N SER D 145 -23.66 -3.74 13.87
CA SER D 145 -22.59 -4.72 13.73
C SER D 145 -22.81 -5.67 12.57
N GLY D 146 -23.88 -6.47 12.64
CA GLY D 146 -24.11 -7.50 11.64
C GLY D 146 -24.34 -6.97 10.24
N MET D 147 -25.36 -6.14 10.07
CA MET D 147 -25.63 -5.61 8.74
C MET D 147 -24.49 -4.73 8.26
N GLY D 148 -23.86 -3.99 9.18
CA GLY D 148 -22.69 -3.23 8.80
C GLY D 148 -21.62 -4.12 8.18
N THR D 149 -21.29 -5.21 8.85
CA THR D 149 -20.30 -6.14 8.32
C THR D 149 -20.72 -6.70 6.97
N LEU D 150 -21.95 -7.18 6.86
CA LEU D 150 -22.38 -7.78 5.60
C LEU D 150 -22.32 -6.78 4.46
N LEU D 151 -22.83 -5.57 4.70
CA LEU D 151 -22.85 -4.55 3.66
C LEU D 151 -21.45 -4.14 3.25
N ILE D 152 -20.55 -3.97 4.21
CA ILE D 152 -19.19 -3.55 3.85
C ILE D 152 -18.49 -4.66 3.08
N SER D 153 -18.68 -5.91 3.50
CA SER D 153 -18.16 -7.02 2.71
C SER D 153 -18.64 -6.95 1.28
N LYS D 154 -19.96 -6.78 1.09
CA LYS D 154 -20.49 -6.76 -0.27
C LYS D 154 -19.92 -5.61 -1.08
N ILE D 155 -19.84 -4.42 -0.49
CA ILE D 155 -19.32 -3.29 -1.25
C ILE D 155 -17.87 -3.53 -1.64
N ARG D 156 -17.06 -3.99 -0.69
CA ARG D 156 -15.67 -4.29 -1.01
C ARG D 156 -15.57 -5.32 -2.13
N GLU D 157 -16.50 -6.27 -2.16
CA GLU D 157 -16.59 -7.18 -3.30
C GLU D 157 -16.85 -6.40 -4.58
N GLU D 158 -17.78 -5.45 -4.53
CA GLU D 158 -18.14 -4.72 -5.73
C GLU D 158 -17.04 -3.76 -6.17
N TYR D 159 -16.38 -3.09 -5.22
CA TYR D 159 -15.30 -2.15 -5.52
C TYR D 159 -14.03 -2.62 -4.82
N PRO D 160 -13.20 -3.39 -5.51
CA PRO D 160 -12.03 -3.99 -4.86
C PRO D 160 -10.99 -2.99 -4.39
N ASP D 161 -10.88 -1.82 -5.02
CA ASP D 161 -9.76 -0.93 -4.80
C ASP D 161 -10.17 0.40 -4.16
N ARG D 162 -11.42 0.56 -3.78
CA ARG D 162 -11.87 1.81 -3.19
C ARG D 162 -11.46 1.91 -1.73
N ILE D 163 -11.57 3.11 -1.19
CA ILE D 163 -11.16 3.38 0.19
C ILE D 163 -12.28 2.95 1.13
N MET D 164 -11.95 2.06 2.06
CA MET D 164 -12.91 1.58 3.05
C MET D 164 -12.42 1.99 4.43
N ASN D 165 -13.05 3.02 4.99
CA ASN D 165 -12.75 3.48 6.34
C ASN D 165 -14.04 3.51 7.13
N THR D 166 -13.92 3.35 8.45
CA THR D 166 -15.11 3.32 9.28
C THR D 166 -14.78 3.75 10.69
N PHE D 167 -15.80 4.29 11.36
CA PHE D 167 -15.76 4.58 12.78
C PHE D 167 -16.76 3.65 13.47
N SER D 168 -16.30 2.96 14.51
CA SER D 168 -17.15 1.99 15.18
C SER D 168 -16.88 2.04 16.67
N VAL D 169 -17.96 2.06 17.44
CA VAL D 169 -17.85 2.21 18.90
C VAL D 169 -17.52 0.86 19.51
N VAL D 170 -16.52 0.83 20.37
CA VAL D 170 -16.06 -0.41 21.01
C VAL D 170 -16.60 -0.42 22.43
N PRO D 171 -17.08 -1.55 22.94
CA PRO D 171 -17.60 -1.58 24.31
C PRO D 171 -16.50 -1.40 25.34
N SER D 172 -16.90 -1.08 26.55
CA SER D 172 -16.00 -1.00 27.68
C SER D 172 -16.59 -1.77 28.84
N PRO D 173 -15.74 -2.38 29.67
CA PRO D 173 -16.25 -3.14 30.81
C PRO D 173 -17.12 -2.31 31.74
N LYS D 174 -16.90 -1.00 31.78
CA LYS D 174 -17.56 -0.15 32.75
C LYS D 174 -18.82 0.53 32.22
N VAL D 175 -19.20 0.27 30.97
CA VAL D 175 -20.43 0.80 30.41
C VAL D 175 -21.23 -0.28 29.71
N SER D 176 -20.80 -1.52 29.80
CA SER D 176 -21.49 -2.66 29.17
C SER D 176 -22.98 -2.61 29.46
N ASP D 177 -23.79 -2.88 28.44
CA ASP D 177 -25.24 -2.80 28.57
C ASP D 177 -25.90 -4.18 28.56
N THR D 178 -25.58 -5.01 27.57
CA THR D 178 -26.21 -6.31 27.41
C THR D 178 -25.15 -7.39 27.40
N VAL D 179 -25.57 -8.59 27.80
CA VAL D 179 -24.63 -9.69 28.01
C VAL D 179 -23.99 -10.13 26.69
N VAL D 180 -24.65 -9.91 25.57
CA VAL D 180 -24.19 -10.40 24.29
C VAL D 180 -23.08 -9.52 23.72
N GLU D 181 -22.62 -8.55 24.50
CA GLU D 181 -21.65 -7.57 24.01
C GLU D 181 -20.39 -8.21 23.45
N PRO D 182 -19.69 -9.09 24.18
CA PRO D 182 -18.43 -9.62 23.64
C PRO D 182 -18.59 -10.41 22.37
N TYR D 183 -19.70 -11.12 22.20
CA TYR D 183 -19.86 -11.92 21.00
C TYR D 183 -19.96 -11.05 19.77
N ASN D 184 -20.86 -10.06 19.81
CA ASN D 184 -20.95 -9.09 18.72
C ASN D 184 -19.60 -8.44 18.49
N ALA D 185 -18.90 -8.06 19.56
CA ALA D 185 -17.59 -7.44 19.39
C ALA D 185 -16.67 -8.35 18.60
N THR D 186 -16.59 -9.63 18.98
CA THR D 186 -15.66 -10.54 18.34
C THR D 186 -15.98 -10.72 16.86
N LEU D 187 -17.27 -10.93 16.55
CA LEU D 187 -17.61 -11.18 15.15
C LEU D 187 -17.40 -9.93 14.31
N SER D 188 -17.83 -8.77 14.82
CA SER D 188 -17.59 -7.52 14.12
C SER D 188 -16.09 -7.33 13.85
N VAL D 189 -15.25 -7.61 14.85
CA VAL D 189 -13.82 -7.44 14.67
C VAL D 189 -13.29 -8.39 13.60
N HIS D 190 -13.72 -9.65 13.66
CA HIS D 190 -13.26 -10.62 12.68
C HIS D 190 -13.61 -10.19 11.27
N GLN D 191 -14.73 -9.47 11.11
CA GLN D 191 -15.07 -9.05 9.76
C GLN D 191 -14.36 -7.75 9.37
N LEU D 192 -14.21 -6.83 10.33
CA LEU D 192 -13.58 -5.55 10.03
C LEU D 192 -12.11 -5.74 9.66
N VAL D 193 -11.39 -6.58 10.42
CA VAL D 193 -9.97 -6.74 10.20
C VAL D 193 -9.65 -7.19 8.79
N GLU D 194 -10.61 -7.79 8.08
CA GLU D 194 -10.37 -8.27 6.74
C GLU D 194 -11.03 -7.43 5.66
N ASN D 195 -12.29 -7.07 5.83
CA ASN D 195 -13.04 -6.44 4.76
C ASN D 195 -12.90 -4.92 4.76
N THR D 196 -11.89 -4.38 5.43
CA THR D 196 -11.77 -2.94 5.55
C THR D 196 -10.30 -2.54 5.50
N ASP D 197 -10.05 -1.33 5.00
CA ASP D 197 -8.70 -0.78 4.90
C ASP D 197 -8.18 -0.28 6.24
N GLU D 198 -9.05 0.28 7.07
CA GLU D 198 -8.63 0.95 8.29
C GLU D 198 -9.86 1.17 9.14
N THR D 199 -9.64 1.53 10.40
CA THR D 199 -10.77 1.75 11.29
C THR D 199 -10.40 2.72 12.40
N TYR D 200 -11.43 3.29 13.01
CA TYR D 200 -11.27 4.14 14.17
C TYR D 200 -12.04 3.52 15.32
N CYS D 201 -11.49 3.60 16.52
CA CYS D 201 -12.08 2.99 17.69
C CYS D 201 -12.39 4.10 18.70
N ILE D 202 -13.64 4.18 19.11
CA ILE D 202 -14.10 5.15 20.08
C ILE D 202 -14.94 4.43 21.12
N ASP D 203 -14.86 4.88 22.37
CA ASP D 203 -15.56 4.22 23.47
C ASP D 203 -16.29 5.27 24.30
N ASN D 204 -17.52 4.93 24.70
CA ASN D 204 -18.30 5.84 25.52
C ASN D 204 -17.61 6.15 26.84
N GLU D 205 -16.75 5.24 27.31
CA GLU D 205 -16.06 5.48 28.58
C GLU D 205 -15.15 6.70 28.46
N ALA D 206 -14.24 6.68 27.48
CA ALA D 206 -13.33 7.80 27.31
C ALA D 206 -14.09 9.08 27.03
N LEU D 207 -15.16 9.00 26.24
CA LEU D 207 -15.94 10.19 25.95
C LEU D 207 -16.56 10.76 27.22
N TYR D 208 -17.13 9.88 28.05
CA TYR D 208 -17.64 10.31 29.34
C TYR D 208 -16.56 11.02 30.14
N ASP D 209 -15.37 10.44 30.21
CA ASP D 209 -14.28 11.08 30.93
C ASP D 209 -14.00 12.47 30.39
N ILE D 210 -13.91 12.59 29.06
CA ILE D 210 -13.54 13.88 28.46
C ILE D 210 -14.59 14.92 28.79
N CYS D 211 -15.85 14.63 28.51
CA CYS D 211 -16.89 15.63 28.73
C CYS D 211 -17.03 15.95 30.20
N PHE D 212 -16.84 14.96 31.07
CA PHE D 212 -17.00 15.16 32.49
C PHE D 212 -15.90 16.05 33.05
N ARG D 213 -14.64 15.61 32.93
CA ARG D 213 -13.55 16.36 33.53
C ARG D 213 -13.20 17.59 32.72
N THR D 214 -12.72 17.40 31.49
CA THR D 214 -12.13 18.47 30.71
C THR D 214 -13.14 19.53 30.29
N LEU D 215 -14.37 19.14 30.03
CA LEU D 215 -15.43 20.11 29.79
C LEU D 215 -16.17 20.49 31.06
N LYS D 216 -15.79 19.93 32.20
CA LYS D 216 -16.38 20.27 33.49
C LYS D 216 -17.89 20.13 33.47
N LEU D 217 -18.37 19.15 32.72
CA LEU D 217 -19.80 18.96 32.55
C LEU D 217 -20.28 17.81 33.43
N THR D 218 -21.42 18.00 34.09
CA THR D 218 -21.94 17.03 35.04
C THR D 218 -23.07 16.20 34.45
N THR D 219 -23.77 16.71 33.44
CA THR D 219 -24.91 16.01 32.83
C THR D 219 -24.58 15.74 31.37
N PRO D 220 -23.64 14.86 31.08
CA PRO D 220 -23.26 14.62 29.69
C PRO D 220 -24.34 13.81 28.98
N THR D 221 -24.85 14.38 27.89
CA THR D 221 -25.83 13.71 27.06
C THR D 221 -25.11 13.00 25.93
N TYR D 222 -25.85 12.17 25.21
CA TYR D 222 -25.32 11.62 23.97
C TYR D 222 -24.95 12.72 22.99
N GLY D 223 -25.64 13.86 23.05
CA GLY D 223 -25.39 14.92 22.09
C GLY D 223 -23.94 15.37 22.05
N ASP D 224 -23.36 15.66 23.21
CA ASP D 224 -22.00 16.18 23.24
C ASP D 224 -20.96 15.13 22.87
N LEU D 225 -21.15 13.89 23.32
CA LEU D 225 -20.25 12.82 22.90
C LEU D 225 -20.26 12.67 21.40
N ASN D 226 -21.45 12.43 20.82
CA ASN D 226 -21.59 12.41 19.38
C ASN D 226 -21.10 13.70 18.74
N HIS D 227 -21.27 14.84 19.41
CA HIS D 227 -20.76 16.09 18.86
C HIS D 227 -19.26 16.03 18.67
N LEU D 228 -18.54 15.52 19.68
CA LEU D 228 -17.09 15.42 19.57
C LEU D 228 -16.69 14.43 18.49
N VAL D 229 -17.39 13.29 18.42
CA VAL D 229 -17.09 12.32 17.37
C VAL D 229 -17.26 12.97 16.00
N SER D 230 -18.32 13.76 15.84
CA SER D 230 -18.56 14.43 14.57
C SER D 230 -17.48 15.45 14.27
N ALA D 231 -17.01 16.16 15.30
CA ALA D 231 -15.92 17.10 15.09
C ALA D 231 -14.69 16.38 14.56
N THR D 232 -14.37 15.22 15.15
CA THR D 232 -13.25 14.42 14.65
C THR D 232 -13.45 14.02 13.19
N MET D 233 -14.65 13.53 12.87
CA MET D 233 -14.90 13.06 11.52
C MET D 233 -14.82 14.19 10.52
N SER D 234 -15.29 15.38 10.91
CA SER D 234 -15.18 16.52 10.02
C SER D 234 -13.74 16.95 9.84
N GLY D 235 -12.95 16.88 10.92
CA GLY D 235 -11.55 17.26 10.81
C GLY D 235 -10.78 16.37 9.86
N VAL D 236 -11.04 15.07 9.92
CA VAL D 236 -10.23 14.13 9.14
C VAL D 236 -10.34 14.37 7.64
N THR D 237 -11.24 15.25 7.21
CA THR D 237 -11.44 15.51 5.79
C THR D 237 -11.55 17.00 5.48
N THR D 238 -11.55 17.84 6.52
CA THR D 238 -11.54 19.28 6.30
C THR D 238 -10.39 19.69 5.37
N CYS D 239 -9.26 19.00 5.48
CA CYS D 239 -8.18 19.16 4.52
C CYS D 239 -8.66 18.99 3.10
N LEU D 240 -9.39 17.91 2.81
CA LEU D 240 -9.87 17.68 1.46
C LEU D 240 -10.89 18.73 1.05
N ARG D 241 -11.73 19.15 1.99
CA ARG D 241 -12.84 20.03 1.65
C ARG D 241 -12.40 21.47 1.42
N PHE D 242 -11.11 21.76 1.47
CA PHE D 242 -10.67 23.14 1.35
C PHE D 242 -9.26 23.23 0.80
N PRO D 243 -8.88 24.39 0.28
CA PRO D 243 -7.47 24.60 -0.07
C PRO D 243 -6.59 24.50 1.16
N GLY D 244 -5.37 24.05 0.95
CA GLY D 244 -4.47 23.90 2.06
C GLY D 244 -3.03 23.96 1.62
N GLN D 245 -2.16 23.35 2.42
CA GLN D 245 -0.75 23.24 2.09
C GLN D 245 -0.33 21.84 1.72
N LEU D 246 -0.81 20.83 2.44
CA LEU D 246 -0.35 19.47 2.25
C LEU D 246 -1.49 18.49 2.53
N ASN D 247 -1.30 17.26 2.04
CA ASN D 247 -1.92 16.05 2.59
C ASN D 247 -3.41 16.25 2.89
N ALA D 248 -4.16 16.49 1.83
CA ALA D 248 -5.60 16.65 2.00
C ALA D 248 -6.35 15.34 1.76
N ASP D 249 -5.67 14.34 1.24
CA ASP D 249 -6.35 13.15 0.73
C ASP D 249 -6.42 12.04 1.77
N LEU D 250 -7.43 11.19 1.65
CA LEU D 250 -7.52 10.02 2.51
C LEU D 250 -6.41 9.01 2.21
N ARG D 251 -6.34 8.52 0.96
CA ARG D 251 -5.37 7.48 0.62
C ARG D 251 -3.96 7.90 1.01
N LYS D 252 -3.67 9.19 0.90
CA LYS D 252 -2.46 9.73 1.51
C LYS D 252 -2.32 9.28 2.95
N LEU D 253 -3.32 9.59 3.79
CA LEU D 253 -3.25 9.19 5.19
C LEU D 253 -3.17 7.69 5.33
N ALA D 254 -3.83 6.96 4.43
CA ALA D 254 -3.82 5.51 4.49
C ALA D 254 -2.40 4.98 4.37
N VAL D 255 -1.68 5.38 3.33
CA VAL D 255 -0.33 4.87 3.14
C VAL D 255 0.60 5.46 4.19
N ASN D 256 0.26 6.63 4.72
CA ASN D 256 1.06 7.20 5.78
C ASN D 256 0.93 6.43 7.09
N MET D 257 -0.23 5.85 7.35
CA MET D 257 -0.54 5.28 8.66
C MET D 257 -0.52 3.76 8.67
N VAL D 258 -0.11 3.12 7.58
CA VAL D 258 -0.11 1.67 7.52
C VAL D 258 1.34 1.20 7.45
N PRO D 259 1.99 0.95 8.59
CA PRO D 259 3.32 0.36 8.56
C PRO D 259 3.31 -1.10 8.19
N PHE D 260 2.12 -1.72 8.17
CA PHE D 260 1.98 -3.07 7.73
C PHE D 260 0.50 -3.24 7.42
N PRO D 261 0.14 -3.96 6.36
CA PRO D 261 -1.27 -4.07 5.96
C PRO D 261 -2.24 -4.40 7.07
N ARG D 262 -1.91 -5.37 7.92
CA ARG D 262 -2.87 -5.89 8.88
C ARG D 262 -3.12 -4.97 10.06
N LEU D 263 -2.25 -4.01 10.32
CA LEU D 263 -2.32 -3.20 11.53
C LEU D 263 -2.87 -1.82 11.16
N HIS D 264 -4.19 -1.72 11.11
CA HIS D 264 -4.86 -0.51 10.65
C HIS D 264 -5.96 -0.10 11.61
N PHE D 265 -5.65 -0.03 12.90
CA PHE D 265 -6.56 0.47 13.91
C PHE D 265 -5.97 1.75 14.48
N PHE D 266 -6.84 2.70 14.79
CA PHE D 266 -6.40 4.05 15.10
C PHE D 266 -7.23 4.65 16.23
N MET D 267 -6.56 5.42 17.08
CA MET D 267 -7.28 6.19 18.07
C MET D 267 -7.28 7.64 17.60
N PRO D 268 -8.43 8.30 17.62
CA PRO D 268 -8.48 9.71 17.25
C PRO D 268 -8.41 10.62 18.47
N GLY D 269 -8.17 11.89 18.21
CA GLY D 269 -8.14 12.90 19.25
C GLY D 269 -8.43 14.25 18.64
N PHE D 270 -9.03 15.11 19.44
CA PHE D 270 -9.50 16.40 18.93
C PHE D 270 -9.09 17.49 19.91
N ALA D 271 -8.80 18.67 19.38
CA ALA D 271 -8.38 19.78 20.20
C ALA D 271 -8.65 21.08 19.44
N PRO D 272 -8.85 22.19 20.15
CA PRO D 272 -8.85 22.30 21.60
C PRO D 272 -10.19 21.96 22.22
N LEU D 273 -10.17 21.41 23.44
CA LEU D 273 -11.37 21.08 24.20
C LEU D 273 -11.20 21.71 25.58
N THR D 274 -12.07 22.66 25.90
CA THR D 274 -11.97 23.33 27.18
C THR D 274 -13.34 23.85 27.58
N SER D 275 -13.66 23.67 28.87
CA SER D 275 -14.90 24.20 29.41
C SER D 275 -14.90 25.73 29.28
N ARG D 276 -16.09 26.28 29.07
CA ARG D 276 -16.20 27.70 28.73
C ARG D 276 -15.65 28.59 29.83
N GLY D 277 -15.67 28.11 31.08
CA GLY D 277 -15.16 28.91 32.16
C GLY D 277 -13.69 29.25 32.01
N SER D 278 -12.91 28.32 31.48
CA SER D 278 -11.48 28.53 31.32
C SER D 278 -11.12 29.19 30.00
N GLN D 279 -12.07 29.31 29.08
CA GLN D 279 -11.74 29.79 27.74
C GLN D 279 -11.32 31.25 27.74
N GLN D 280 -11.57 31.97 28.84
CA GLN D 280 -11.08 33.34 28.91
C GLN D 280 -9.60 33.41 29.24
N TYR D 281 -8.95 32.30 29.56
CA TYR D 281 -7.55 32.32 29.94
C TYR D 281 -6.61 31.88 28.84
N ARG D 282 -6.94 30.83 28.11
CA ARG D 282 -5.93 30.12 27.32
C ARG D 282 -5.39 30.97 26.19
N ALA D 283 -4.30 30.48 25.60
CA ALA D 283 -3.65 31.15 24.47
C ALA D 283 -3.41 30.07 23.42
N LEU D 284 -4.28 30.04 22.41
CA LEU D 284 -4.25 28.96 21.44
C LEU D 284 -3.06 29.10 20.50
N THR D 285 -2.01 28.34 20.79
CA THR D 285 -0.84 28.29 19.94
C THR D 285 -0.51 26.85 19.63
N VAL D 286 0.47 26.66 18.76
CA VAL D 286 0.91 25.34 18.36
C VAL D 286 1.40 24.54 19.56
N PRO D 287 2.25 25.09 20.44
CA PRO D 287 2.66 24.30 21.62
C PRO D 287 1.48 23.87 22.47
N GLU D 288 0.50 24.76 22.67
CA GLU D 288 -0.68 24.40 23.45
C GLU D 288 -1.44 23.26 22.80
N LEU D 289 -1.66 23.35 21.48
CA LEU D 289 -2.35 22.28 20.79
C LEU D 289 -1.62 20.96 20.92
N THR D 290 -0.29 21.00 20.81
CA THR D 290 0.48 19.76 20.93
C THR D 290 0.38 19.17 22.32
N GLN D 291 0.48 20.01 23.35
CA GLN D 291 0.37 19.50 24.70
C GLN D 291 -1.01 18.91 24.96
N GLN D 292 -2.04 19.49 24.34
CA GLN D 292 -3.36 18.88 24.46
C GLN D 292 -3.41 17.52 23.77
N MET D 293 -2.96 17.45 22.51
CA MET D 293 -3.17 16.23 21.75
C MET D 293 -2.31 15.08 22.25
N PHE D 294 -1.08 15.35 22.66
CA PHE D 294 -0.20 14.26 23.09
C PHE D 294 -0.72 13.59 24.35
N ASP D 295 -1.24 14.39 25.28
CA ASP D 295 -1.64 13.88 26.58
C ASP D 295 -2.61 12.72 26.44
N ALA D 296 -2.36 11.64 27.19
CA ALA D 296 -3.27 10.50 27.16
C ALA D 296 -4.66 10.88 27.66
N LYS D 297 -4.76 11.99 28.40
CA LYS D 297 -6.05 12.43 28.89
C LYS D 297 -6.96 12.92 27.77
N ASN D 298 -6.46 13.03 26.54
CA ASN D 298 -7.28 13.46 25.42
C ASN D 298 -7.42 12.39 24.35
N MET D 299 -7.35 11.12 24.71
CA MET D 299 -7.47 10.07 23.72
C MET D 299 -8.89 9.52 23.69
N MET D 300 -9.48 9.51 22.50
CA MET D 300 -10.83 9.01 22.32
C MET D 300 -10.94 7.52 22.61
N ALA D 301 -9.84 6.79 22.60
CA ALA D 301 -9.87 5.37 22.94
C ALA D 301 -9.58 5.18 24.41
N ALA D 302 -10.14 4.12 24.97
CA ALA D 302 -9.97 3.82 26.39
C ALA D 302 -8.69 3.01 26.59
N CYS D 303 -7.57 3.66 26.29
CA CYS D 303 -6.27 3.03 26.43
C CYS D 303 -5.22 4.11 26.65
N ASP D 304 -4.39 3.92 27.66
CA ASP D 304 -3.34 4.88 27.97
C ASP D 304 -2.14 4.56 27.09
N PRO D 305 -1.83 5.39 26.09
CA PRO D 305 -0.75 5.05 25.15
C PRO D 305 0.58 4.85 25.82
N ARG D 306 0.84 5.57 26.92
CA ARG D 306 2.15 5.55 27.54
C ARG D 306 2.55 4.16 28.04
N HIS D 307 1.64 3.20 28.03
CA HIS D 307 2.01 1.81 28.30
C HIS D 307 2.56 1.12 27.07
N GLY D 308 2.15 1.54 25.87
CA GLY D 308 2.71 1.01 24.66
C GLY D 308 3.58 2.06 23.99
N ARG D 309 3.96 1.83 22.74
CA ARG D 309 4.77 2.79 22.01
C ARG D 309 4.10 3.10 20.69
N TYR D 310 4.19 4.36 20.28
CA TYR D 310 3.51 4.80 19.07
C TYR D 310 4.22 4.25 17.85
N LEU D 311 3.43 3.72 16.92
CA LEU D 311 3.95 3.34 15.61
C LEU D 311 3.83 4.47 14.60
N THR D 312 2.63 4.97 14.37
CA THR D 312 2.47 6.06 13.43
C THR D 312 1.49 7.10 13.97
N VAL D 313 1.76 8.36 13.65
CA VAL D 313 0.99 9.48 14.15
C VAL D 313 0.79 10.46 13.00
N ALA D 314 -0.43 10.93 12.82
CA ALA D 314 -0.74 11.95 11.83
C ALA D 314 -1.54 13.05 12.51
N ALA D 315 -1.19 14.29 12.21
CA ALA D 315 -1.81 15.45 12.84
C ALA D 315 -2.24 16.44 11.78
N VAL D 316 -3.52 16.79 11.77
CA VAL D 316 -4.07 17.73 10.81
C VAL D 316 -4.46 18.99 11.58
N PHE D 317 -4.17 20.13 10.99
CA PHE D 317 -4.33 21.43 11.64
C PHE D 317 -5.25 22.29 10.79
N ARG D 318 -6.02 23.15 11.44
CA ARG D 318 -6.93 24.06 10.78
C ARG D 318 -6.65 25.48 11.22
N GLY D 319 -6.49 26.37 10.26
CA GLY D 319 -6.28 27.78 10.55
C GLY D 319 -5.00 28.30 9.94
N ARG D 320 -4.80 29.60 10.09
CA ARG D 320 -3.62 30.30 9.57
C ARG D 320 -2.46 30.05 10.53
N MET D 321 -1.58 29.14 10.13
CA MET D 321 -0.37 28.86 10.89
C MET D 321 0.81 28.62 9.95
N SER D 322 2.00 28.97 10.41
CA SER D 322 3.18 28.72 9.61
C SER D 322 3.66 27.28 9.80
N MET D 323 4.53 26.85 8.90
CA MET D 323 5.03 25.49 8.99
C MET D 323 6.07 25.35 10.09
N LYS D 324 7.06 26.25 10.11
CA LYS D 324 8.19 26.11 11.02
C LYS D 324 7.74 25.84 12.44
N GLU D 325 6.73 26.57 12.91
CA GLU D 325 6.28 26.37 14.28
C GLU D 325 5.81 24.94 14.50
N VAL D 326 4.95 24.43 13.62
CA VAL D 326 4.34 23.14 13.87
C VAL D 326 5.37 22.03 13.72
N ASP D 327 6.26 22.17 12.75
CA ASP D 327 7.24 21.11 12.56
C ASP D 327 8.23 21.06 13.71
N GLU D 328 8.74 22.21 14.15
CA GLU D 328 9.67 22.18 15.27
C GLU D 328 8.96 21.72 16.54
N GLN D 329 7.68 22.06 16.68
CA GLN D 329 6.92 21.57 17.82
C GLN D 329 6.85 20.05 17.82
N MET D 330 6.51 19.48 16.67
CA MET D 330 6.46 18.02 16.58
C MET D 330 7.83 17.40 16.80
N LEU D 331 8.89 18.06 16.35
CA LEU D 331 10.23 17.57 16.59
C LEU D 331 10.54 17.51 18.08
N ASN D 332 10.26 18.61 18.78
CA ASN D 332 10.44 18.62 20.23
C ASN D 332 9.63 17.53 20.90
N VAL D 333 8.38 17.34 20.48
CA VAL D 333 7.54 16.30 21.06
C VAL D 333 8.19 14.94 20.86
N GLN D 334 8.63 14.65 19.64
CA GLN D 334 9.27 13.38 19.36
C GLN D 334 10.54 13.22 20.21
N ASN D 335 11.22 14.33 20.49
CA ASN D 335 12.43 14.25 21.30
C ASN D 335 12.11 13.87 22.73
N LYS D 336 11.32 14.70 23.41
CA LYS D 336 11.17 14.58 24.86
C LYS D 336 10.56 13.25 25.28
N ASN D 337 9.77 12.61 24.41
CA ASN D 337 9.10 11.37 24.75
C ASN D 337 9.57 10.22 23.87
N SER D 338 10.88 10.13 23.66
CA SER D 338 11.42 9.18 22.70
C SER D 338 11.09 7.74 23.06
N SER D 339 10.81 7.47 24.34
CA SER D 339 10.51 6.10 24.74
C SER D 339 9.25 5.55 24.10
N TYR D 340 8.25 6.39 23.86
CA TYR D 340 6.96 5.94 23.37
C TYR D 340 6.91 5.81 21.86
N PHE D 341 8.06 5.79 21.20
CA PHE D 341 8.12 5.67 19.76
C PHE D 341 8.99 4.49 19.37
N VAL D 342 8.78 4.00 18.17
CA VAL D 342 9.50 2.84 17.68
C VAL D 342 10.63 3.31 16.79
N GLU D 343 11.84 2.76 17.00
CA GLU D 343 12.96 3.15 16.16
C GLU D 343 12.76 2.71 14.72
N TRP D 344 11.83 1.78 14.46
CA TRP D 344 11.64 1.27 13.11
C TRP D 344 11.49 2.38 12.10
N ILE D 345 10.82 3.47 12.48
CA ILE D 345 10.55 4.57 11.56
C ILE D 345 11.08 5.85 12.20
N PRO D 346 12.09 6.48 11.62
CA PRO D 346 12.41 7.85 12.03
C PRO D 346 11.29 8.78 11.58
N ASN D 347 11.06 9.82 12.38
CA ASN D 347 10.00 10.79 12.10
C ASN D 347 8.63 10.10 12.08
N ASN D 348 8.27 9.54 13.23
CA ASN D 348 7.02 8.80 13.33
C ASN D 348 5.79 9.69 13.15
N VAL D 349 5.97 10.99 12.98
CA VAL D 349 4.86 11.94 12.91
C VAL D 349 4.78 12.50 11.51
N LYS D 350 3.56 12.56 10.98
CA LYS D 350 3.27 13.21 9.71
C LYS D 350 2.22 14.28 9.92
N THR D 351 2.27 15.33 9.11
CA THR D 351 1.43 16.49 9.32
C THR D 351 0.57 16.76 8.09
N ALA D 352 -0.46 17.55 8.30
CA ALA D 352 -1.31 18.06 7.25
C ALA D 352 -1.92 19.37 7.72
N VAL D 353 -2.02 20.33 6.82
CA VAL D 353 -2.48 21.67 7.20
C VAL D 353 -3.54 22.12 6.20
N CYS D 354 -4.75 22.35 6.70
CA CYS D 354 -5.80 22.98 5.92
C CYS D 354 -5.87 24.43 6.31
N ASP D 355 -6.30 25.27 5.38
CA ASP D 355 -6.20 26.71 5.58
C ASP D 355 -7.46 27.32 6.19
N ILE D 356 -8.47 26.52 6.49
CA ILE D 356 -9.76 27.02 6.96
C ILE D 356 -9.93 26.64 8.42
N PRO D 357 -10.26 27.58 9.29
CA PRO D 357 -10.49 27.26 10.69
C PRO D 357 -11.93 26.86 10.92
N PRO D 358 -12.22 26.06 11.93
CA PRO D 358 -13.61 25.78 12.29
C PRO D 358 -14.28 27.01 12.84
N ARG D 359 -15.57 27.11 12.57
CA ARG D 359 -16.33 28.28 12.96
C ARG D 359 -16.38 28.38 14.48
N GLY D 360 -15.78 29.45 15.02
CA GLY D 360 -15.76 29.69 16.44
C GLY D 360 -14.37 29.67 17.06
N LEU D 361 -13.44 28.91 16.49
CA LEU D 361 -12.09 28.85 17.01
C LEU D 361 -11.10 29.21 15.91
N LYS D 362 -10.11 30.03 16.25
CA LYS D 362 -9.20 30.55 15.26
C LYS D 362 -8.33 29.46 14.65
N MET D 363 -8.19 28.34 15.35
CA MET D 363 -7.43 27.21 14.83
C MET D 363 -7.82 25.97 15.61
N SER D 364 -7.48 24.82 15.06
CA SER D 364 -7.81 23.57 15.74
C SER D 364 -6.88 22.48 15.24
N ALA D 365 -6.97 21.32 15.88
CA ALA D 365 -6.12 20.20 15.55
C ALA D 365 -6.88 18.89 15.77
N THR D 366 -6.67 17.96 14.86
CA THR D 366 -7.10 16.59 15.04
C THR D 366 -5.89 15.68 14.89
N PHE D 367 -5.91 14.56 15.59
CA PHE D 367 -4.81 13.62 15.59
C PHE D 367 -5.35 12.22 15.42
N ILE D 368 -4.62 11.41 14.65
CA ILE D 368 -4.91 9.99 14.50
C ILE D 368 -3.63 9.22 14.78
N GLY D 369 -3.72 8.20 15.61
CA GLY D 369 -2.57 7.41 15.99
C GLY D 369 -2.80 5.93 15.81
N ASN D 370 -1.70 5.20 15.60
CA ASN D 370 -1.70 3.74 15.63
C ASN D 370 -0.52 3.33 16.50
N SER D 371 -0.81 2.74 17.65
CA SER D 371 0.16 2.17 18.55
C SER D 371 -0.35 0.85 19.10
N THR D 372 0.59 -0.08 19.34
CA THR D 372 0.22 -1.41 19.80
C THR D 372 -0.55 -1.39 21.12
N ALA D 373 -0.53 -0.26 21.84
CA ALA D 373 -1.18 -0.20 23.14
C ALA D 373 -2.66 -0.60 23.06
N ILE D 374 -3.34 -0.21 21.99
CA ILE D 374 -4.76 -0.51 21.83
C ILE D 374 -5.02 -2.00 21.99
N GLN D 375 -4.01 -2.83 21.77
CA GLN D 375 -4.17 -4.27 21.93
C GLN D 375 -4.79 -4.63 23.27
N GLU D 376 -4.53 -3.85 24.31
CA GLU D 376 -5.08 -4.20 25.63
C GLU D 376 -6.60 -4.24 25.58
N LEU D 377 -7.22 -3.30 24.86
CA LEU D 377 -8.68 -3.29 24.78
C LEU D 377 -9.20 -4.59 24.17
N PHE D 378 -8.42 -5.21 23.27
CA PHE D 378 -8.88 -6.46 22.69
C PHE D 378 -8.87 -7.58 23.72
N LYS D 379 -7.96 -7.52 24.69
CA LYS D 379 -8.06 -8.40 25.83
C LYS D 379 -9.43 -8.26 26.49
N ARG D 380 -9.91 -7.02 26.63
CA ARG D 380 -11.23 -6.77 27.19
C ARG D 380 -12.28 -7.61 26.49
N ILE D 381 -12.11 -7.85 25.19
CA ILE D 381 -12.97 -8.80 24.50
C ILE D 381 -12.59 -10.22 24.90
N SER D 382 -11.36 -10.63 24.56
CA SER D 382 -10.99 -12.03 24.63
C SER D 382 -11.37 -12.65 25.96
N GLU D 383 -10.87 -12.08 27.05
CA GLU D 383 -11.22 -12.59 28.37
C GLU D 383 -12.72 -12.73 28.53
N GLN D 384 -13.45 -11.62 28.40
CA GLN D 384 -14.91 -11.69 28.44
C GLN D 384 -15.42 -12.80 27.54
N PHE D 385 -14.92 -12.83 26.30
CA PHE D 385 -15.30 -13.90 25.39
C PHE D 385 -15.02 -15.26 26.00
N THR D 386 -13.76 -15.51 26.36
CA THR D 386 -13.43 -16.78 26.99
C THR D 386 -14.16 -16.96 28.31
N ALA D 387 -14.57 -15.86 28.93
CA ALA D 387 -15.32 -15.96 30.17
C ALA D 387 -16.70 -16.57 29.93
N MET D 388 -17.29 -16.28 28.76
CA MET D 388 -18.63 -16.77 28.49
C MET D 388 -18.58 -18.01 27.60
N PHE D 389 -17.77 -17.97 26.54
CA PHE D 389 -17.72 -19.10 25.62
C PHE D 389 -17.32 -20.38 26.34
N ARG D 390 -16.60 -20.25 27.45
CA ARG D 390 -16.22 -21.43 28.22
C ARG D 390 -17.45 -22.20 28.68
N ARG D 391 -18.46 -21.49 29.19
CA ARG D 391 -19.70 -22.12 29.60
C ARG D 391 -20.70 -22.26 28.47
N LYS D 392 -20.38 -21.78 27.27
CA LYS D 392 -21.34 -21.68 26.18
C LYS D 392 -22.56 -20.87 26.59
N ALA D 393 -22.33 -19.86 27.44
CA ALA D 393 -23.43 -19.13 28.06
C ALA D 393 -24.29 -18.45 27.01
N PHE D 394 -25.57 -18.82 26.98
CA PHE D 394 -26.57 -18.34 26.05
C PHE D 394 -26.08 -18.40 24.61
N LEU D 395 -25.18 -19.33 24.29
CA LEU D 395 -24.82 -19.61 22.91
C LEU D 395 -26.03 -20.05 22.10
N HIS D 396 -27.04 -20.59 22.77
CA HIS D 396 -28.20 -21.13 22.09
C HIS D 396 -28.88 -20.11 21.20
N TRP D 397 -28.95 -18.84 21.61
CA TRP D 397 -29.55 -17.83 20.76
C TRP D 397 -28.90 -17.81 19.39
N TYR D 398 -27.58 -17.79 19.32
CA TYR D 398 -26.90 -17.72 18.05
C TYR D 398 -26.89 -19.04 17.31
N THR D 399 -26.80 -20.16 18.02
CA THR D 399 -26.90 -21.44 17.34
C THR D 399 -28.20 -21.55 16.55
N GLY D 400 -29.26 -20.93 17.05
CA GLY D 400 -30.55 -21.03 16.37
C GLY D 400 -30.51 -20.51 14.95
N GLU D 401 -29.82 -19.38 14.74
CA GLU D 401 -29.74 -18.83 13.39
C GLU D 401 -28.84 -19.66 12.50
N GLY D 402 -28.10 -20.61 13.08
CA GLY D 402 -27.39 -21.59 12.28
C GLY D 402 -25.89 -21.42 12.22
N MET D 403 -25.36 -20.41 12.91
CA MET D 403 -23.92 -20.22 12.94
C MET D 403 -23.30 -21.29 13.82
N ASP D 404 -22.11 -21.75 13.42
CA ASP D 404 -21.46 -22.85 14.11
C ASP D 404 -20.40 -22.33 15.08
N GLU D 405 -20.08 -23.15 16.07
CA GLU D 405 -18.96 -22.87 16.97
C GLU D 405 -17.70 -22.54 16.19
N MET D 406 -17.51 -23.17 15.04
CA MET D 406 -16.29 -22.98 14.26
C MET D 406 -16.05 -21.51 13.94
N GLU D 407 -17.12 -20.75 13.69
CA GLU D 407 -16.94 -19.35 13.33
C GLU D 407 -16.41 -18.54 14.50
N PHE D 408 -17.00 -18.73 15.68
CA PHE D 408 -16.46 -18.09 16.87
C PHE D 408 -15.02 -18.51 17.11
N THR D 409 -14.72 -19.79 16.89
CA THR D 409 -13.36 -20.27 17.10
C THR D 409 -12.40 -19.54 16.19
N GLU D 410 -12.73 -19.43 14.92
CA GLU D 410 -11.87 -18.78 13.95
C GLU D 410 -11.69 -17.30 14.28
N ALA D 411 -12.79 -16.62 14.61
CA ALA D 411 -12.69 -15.22 14.98
C ALA D 411 -11.77 -15.03 16.18
N GLU D 412 -11.92 -15.89 17.19
CA GLU D 412 -11.07 -15.79 18.37
C GLU D 412 -9.61 -16.00 18.02
N SER D 413 -9.32 -17.00 17.20
CA SER D 413 -7.94 -17.26 16.80
C SER D 413 -7.36 -16.08 16.07
N ASN D 414 -8.13 -15.48 15.16
CA ASN D 414 -7.64 -14.32 14.43
C ASN D 414 -7.39 -13.15 15.36
N MET D 415 -8.24 -12.95 16.35
CA MET D 415 -8.01 -11.88 17.31
C MET D 415 -6.73 -12.14 18.10
N ASN D 416 -6.50 -13.39 18.49
CA ASN D 416 -5.25 -13.74 19.15
C ASN D 416 -4.06 -13.38 18.27
N ASP D 417 -4.16 -13.73 16.99
CA ASP D 417 -3.07 -13.42 16.05
C ASP D 417 -2.82 -11.92 16.00
N LEU D 418 -3.89 -11.13 15.97
CA LEU D 418 -3.74 -9.68 15.92
C LEU D 418 -2.99 -9.19 17.16
N VAL D 419 -3.40 -9.67 18.33
CA VAL D 419 -2.72 -9.26 19.56
C VAL D 419 -1.25 -9.63 19.49
N SER D 420 -0.96 -10.87 19.07
CA SER D 420 0.42 -11.33 19.03
C SER D 420 1.25 -10.47 18.09
N GLU D 421 0.68 -10.05 16.96
CA GLU D 421 1.46 -9.26 16.02
C GLU D 421 1.70 -7.85 16.54
N TYR D 422 0.71 -7.28 17.23
CA TYR D 422 0.96 -6.01 17.90
C TYR D 422 2.09 -6.13 18.90
N GLN D 423 2.15 -7.26 19.63
CA GLN D 423 3.24 -7.40 20.60
C GLN D 423 4.57 -7.63 19.89
N GLN D 424 4.56 -8.32 18.75
CA GLN D 424 5.76 -8.43 17.93
C GLN D 424 6.30 -7.05 17.59
N TYR D 425 5.52 -6.28 16.84
CA TYR D 425 5.98 -4.98 16.38
C TYR D 425 6.23 -4.02 17.54
N GLN D 426 5.64 -4.28 18.71
CA GLN D 426 5.84 -3.41 19.85
C GLN D 426 7.30 -3.40 20.27
N ASP D 427 8.00 -4.50 20.05
CA ASP D 427 9.43 -4.57 20.34
C ASP D 427 10.21 -5.03 19.12
#